data_8FQT
#
_entry.id   8FQT
#
_cell.length_a   43.041
_cell.length_b   83.567
_cell.length_c   206.469
_cell.angle_alpha   90.00
_cell.angle_beta   90.00
_cell.angle_gamma   90.00
#
_symmetry.space_group_name_H-M   'P 21 21 21'
#
loop_
_entity.id
_entity.type
_entity.pdbx_description
1 polymer Beta-lactamase
2 non-polymer 'PHOSPHATE ION'
3 water water
#
_entity_poly.entity_id   1
_entity_poly.type   'polypeptide(L)'
_entity_poly.pdbx_seq_one_letter_code
;MGNTPKDQEIKKLVDQNFKPLLEKYDVPGMAVGVIQNNKKYEMYYGLQSVQDKKAVNSSTIFELGSVSKLFTATAGGYAK
NKGKISFDDTPGKYWKELKNTPIDQVNLLQLATYTSGNLALQFPDEVKTDQQVLTFFKDWKPKNSIGEYRQYSNPSIGLF
GKVVALSMNKPFDQVLEKTIFPALGLKHSYVNVPKTQMQNYAFGYNQENQPIRVNRGPLDAAPAYDVKSTLPDMLSFIHA
NLNPQKYPADIQRAINETHQGRYQVNTMYQALGWEEFSYPATLQTLLDSNSEQIVMKPNKVTAISKEPSVKMYHKTGSTN
GFGTYVVFIPKENIGLVMLTNKRIPNEERIKAAYAVLNAIKK
;
_entity_poly.pdbx_strand_id   B,A
#
loop_
_chem_comp.id
_chem_comp.type
_chem_comp.name
_chem_comp.formula
PO4 non-polymer 'PHOSPHATE ION' 'O4 P -3'
#
# COMPACT_ATOMS: atom_id res chain seq x y z
N ASN A 3 -14.89 -24.28 14.72
CA ASN A 3 -13.97 -25.32 14.27
C ASN A 3 -12.54 -25.00 14.68
N THR A 4 -12.28 -23.72 14.98
CA THR A 4 -11.02 -23.27 15.59
C THR A 4 -11.35 -22.11 16.51
N PRO A 5 -11.13 -22.25 17.82
CA PRO A 5 -11.52 -21.20 18.75
C PRO A 5 -10.89 -19.86 18.38
N LYS A 6 -11.61 -18.78 18.68
CA LYS A 6 -11.16 -17.46 18.29
C LYS A 6 -9.75 -17.15 18.82
N ASP A 7 -9.45 -17.51 20.08
CA ASP A 7 -8.14 -17.18 20.61
C ASP A 7 -7.04 -17.81 19.78
N GLN A 8 -7.28 -19.03 19.28
CA GLN A 8 -6.30 -19.72 18.46
C GLN A 8 -6.18 -19.11 17.08
N GLU A 9 -7.30 -18.67 16.52
CA GLU A 9 -7.28 -17.98 15.22
C GLU A 9 -6.46 -16.70 15.30
N ILE A 10 -6.65 -15.91 16.36
CA ILE A 10 -5.87 -14.69 16.50
C ILE A 10 -4.40 -15.01 16.76
N LYS A 11 -4.13 -16.01 17.61
CA LYS A 11 -2.76 -16.43 17.84
C LYS A 11 -2.09 -16.87 16.54
N LYS A 12 -2.83 -17.60 15.70
CA LYS A 12 -2.29 -18.05 14.41
C LYS A 12 -1.94 -16.86 13.50
N LEU A 13 -2.80 -15.84 13.49
CA LEU A 13 -2.55 -14.66 12.67
C LEU A 13 -1.33 -13.88 13.17
N VAL A 14 -1.17 -13.78 14.48
CA VAL A 14 0.01 -13.11 15.03
C VAL A 14 1.25 -13.92 14.72
N ASP A 15 1.17 -15.25 14.83
CA ASP A 15 2.26 -16.13 14.47
C ASP A 15 2.67 -15.94 13.02
N GLN A 16 1.70 -15.86 12.11
CA GLN A 16 2.00 -15.77 10.69
C GLN A 16 2.62 -14.43 10.32
N ASN A 17 2.25 -13.37 11.02
CA ASN A 17 2.64 -12.03 10.58
C ASN A 17 3.67 -11.35 11.47
N PHE A 18 3.65 -11.61 12.77
CA PHE A 18 4.59 -10.98 13.68
C PHE A 18 5.77 -11.88 14.02
N LYS A 19 5.52 -13.16 14.25
CA LYS A 19 6.62 -14.06 14.62
C LYS A 19 7.79 -14.05 13.62
N PRO A 20 7.59 -14.05 12.29
CA PRO A 20 8.76 -14.02 11.40
C PRO A 20 9.62 -12.79 11.56
N LEU A 21 9.10 -11.71 12.14
CA LEU A 21 9.92 -10.54 12.38
C LEU A 21 10.99 -10.81 13.43
N LEU A 22 10.72 -11.70 14.39
CA LEU A 22 11.74 -12.03 15.37
C LEU A 22 13.00 -12.56 14.71
N GLU A 23 12.87 -13.52 13.81
CA GLU A 23 14.06 -14.05 13.14
C GLU A 23 14.61 -13.07 12.13
N LYS A 24 13.74 -12.36 11.41
CA LYS A 24 14.19 -11.48 10.33
C LYS A 24 15.00 -10.31 10.87
N TYR A 25 14.64 -9.80 12.05
CA TYR A 25 15.32 -8.64 12.62
C TYR A 25 16.06 -8.98 13.91
N ASP A 26 16.29 -10.27 14.18
CA ASP A 26 17.00 -10.74 15.36
C ASP A 26 16.50 -10.02 16.61
N VAL A 27 15.19 -10.08 16.83
CA VAL A 27 14.53 -9.39 17.94
C VAL A 27 14.47 -10.37 19.11
N PRO A 28 15.05 -10.04 20.27
CA PRO A 28 15.02 -11.02 21.38
C PRO A 28 13.62 -11.27 21.93
N GLY A 29 12.81 -10.24 22.08
CA GLY A 29 11.52 -10.38 22.74
C GLY A 29 10.47 -9.48 22.14
N MET A 30 9.23 -9.93 22.23
CA MET A 30 8.10 -9.22 21.62
C MET A 30 6.81 -9.58 22.35
N ALA A 31 5.98 -8.58 22.61
CA ALA A 31 4.63 -8.79 23.10
C ALA A 31 3.66 -8.19 22.09
N VAL A 32 2.66 -8.99 21.69
CA VAL A 32 1.61 -8.56 20.77
C VAL A 32 0.27 -8.81 21.45
N GLY A 33 -0.55 -7.79 21.48
CA GLY A 33 -1.87 -7.88 22.09
C GLY A 33 -2.92 -7.43 21.12
N VAL A 34 -4.06 -8.14 21.13
CA VAL A 34 -5.24 -7.79 20.35
C VAL A 34 -6.42 -7.68 21.31
N ILE A 35 -7.20 -6.61 21.17
CA ILE A 35 -8.48 -6.52 21.85
C ILE A 35 -9.56 -6.45 20.78
N GLN A 36 -10.57 -7.31 20.91
CA GLN A 36 -11.69 -7.32 19.98
C GLN A 36 -12.95 -7.58 20.77
N ASN A 37 -13.93 -6.68 20.63
CA ASN A 37 -15.20 -6.82 21.35
C ASN A 37 -14.97 -6.97 22.84
N ASN A 38 -14.05 -6.17 23.38
CA ASN A 38 -13.71 -6.18 24.81
C ASN A 38 -13.16 -7.52 25.28
N LYS A 39 -12.67 -8.37 24.37
CA LYS A 39 -11.88 -9.54 24.72
C LYS A 39 -10.42 -9.25 24.39
N LYS A 40 -9.54 -9.56 25.33
CA LYS A 40 -8.12 -9.30 25.16
C LYS A 40 -7.38 -10.61 24.90
N TYR A 41 -6.44 -10.56 23.96
CA TYR A 41 -5.61 -11.70 23.59
C TYR A 41 -4.16 -11.25 23.67
N GLU A 42 -3.36 -11.98 24.46
CA GLU A 42 -1.98 -11.59 24.73
C GLU A 42 -1.05 -12.67 24.20
N MET A 43 -0.06 -12.25 23.42
CA MET A 43 0.90 -13.18 22.83
C MET A 43 2.31 -12.68 23.10
N TYR A 44 3.12 -13.54 23.72
CA TYR A 44 4.45 -13.19 24.18
C TYR A 44 5.48 -14.08 23.50
N TYR A 45 6.58 -13.48 23.06
CA TYR A 45 7.61 -14.21 22.34
C TYR A 45 8.97 -13.85 22.91
N GLY A 46 9.84 -14.85 22.99
CA GLY A 46 11.21 -14.51 23.26
C GLY A 46 11.49 -14.07 24.69
N LEU A 47 12.55 -13.30 24.81
CA LEU A 47 13.20 -13.03 26.09
C LEU A 47 13.22 -11.54 26.37
N GLN A 48 12.84 -11.17 27.59
CA GLN A 48 12.98 -9.79 28.01
C GLN A 48 14.42 -9.46 28.38
N SER A 49 15.18 -10.45 28.82
CA SER A 49 16.63 -10.31 28.99
C SER A 49 17.30 -11.57 28.46
N VAL A 50 18.12 -11.40 27.42
CA VAL A 50 18.75 -12.54 26.80
C VAL A 50 19.68 -13.24 27.78
N GLN A 51 20.55 -12.47 28.44
CA GLN A 51 21.54 -13.08 29.32
C GLN A 51 20.91 -13.75 30.53
N ASP A 52 19.72 -13.30 30.94
CA ASP A 52 19.05 -13.91 32.08
C ASP A 52 18.10 -15.02 31.68
N LYS A 53 17.93 -15.24 30.36
CA LYS A 53 17.00 -16.24 29.84
C LYS A 53 15.61 -16.05 30.47
N LYS A 54 15.24 -14.78 30.63
CA LYS A 54 13.97 -14.41 31.28
C LYS A 54 12.95 -14.13 30.17
N ALA A 55 11.91 -14.95 30.12
CA ALA A 55 10.95 -14.87 29.02
C ALA A 55 10.11 -13.60 29.14
N VAL A 56 9.75 -13.03 27.98
CA VAL A 56 8.73 -12.00 27.93
C VAL A 56 7.41 -12.57 28.44
N ASN A 57 6.70 -11.78 29.24
CA ASN A 57 5.46 -12.24 29.84
C ASN A 57 4.59 -11.03 30.14
N SER A 58 3.46 -11.27 30.82
CA SER A 58 2.49 -10.21 31.09
C SER A 58 3.06 -9.14 32.01
N SER A 59 4.12 -9.45 32.76
CA SER A 59 4.74 -8.47 33.63
C SER A 59 5.86 -7.67 32.98
N THR A 60 6.27 -8.00 31.75
CA THR A 60 7.44 -7.35 31.16
C THR A 60 7.15 -5.89 30.85
N ILE A 61 8.03 -5.01 31.30
CA ILE A 61 7.93 -3.57 31.06
C ILE A 61 8.83 -3.20 29.87
N PHE A 62 8.22 -2.57 28.85
CA PHE A 62 8.90 -2.07 27.66
C PHE A 62 8.88 -0.54 27.68
N GLU A 63 9.86 0.05 26.97
CA GLU A 63 9.84 1.50 26.72
C GLU A 63 8.95 1.82 25.53
N LEU A 64 8.10 2.83 25.67
CA LEU A 64 7.16 3.18 24.61
C LEU A 64 7.71 4.18 23.61
N GLY A 65 8.81 4.86 23.92
CA GLY A 65 9.31 5.83 22.97
C GLY A 65 8.25 6.88 22.70
N SER A 66 8.10 7.27 21.43
CA SER A 66 7.17 8.34 21.08
C SER A 66 5.71 7.98 21.25
N VAL A 67 5.38 6.71 21.51
CA VAL A 67 4.01 6.41 21.90
C VAL A 67 3.67 7.10 23.22
N SER A 68 4.70 7.48 24.01
CA SER A 68 4.47 8.26 25.22
C SER A 68 3.69 9.54 24.95
N LYS A 69 3.79 10.06 23.73
CA LYS A 69 3.10 11.31 23.37
C LYS A 69 1.60 11.15 23.49
N LEU A 70 1.10 9.91 23.36
CA LEU A 70 -0.33 9.68 23.49
C LEU A 70 -0.80 10.00 24.91
N PHE A 71 0.05 9.72 25.91
CA PHE A 71 -0.31 10.04 27.28
C PHE A 71 -0.16 11.53 27.59
N THR A 72 0.82 12.18 26.97
CA THR A 72 0.89 13.64 27.05
C THR A 72 -0.38 14.25 26.47
N ALA A 73 -0.78 13.78 25.30
CA ALA A 73 -1.99 14.29 24.66
C ALA A 73 -3.23 14.06 25.52
N THR A 74 -3.33 12.86 26.11
CA THR A 74 -4.45 12.58 27.00
C THR A 74 -4.45 13.49 28.21
N ALA A 75 -3.27 13.71 28.81
CA ALA A 75 -3.16 14.64 29.93
C ALA A 75 -3.60 16.05 29.56
N GLY A 76 -3.24 16.51 28.35
CA GLY A 76 -3.68 17.83 27.91
C GLY A 76 -5.19 17.88 27.67
N GLY A 77 -5.76 16.82 27.10
CA GLY A 77 -7.21 16.76 26.98
C GLY A 77 -7.89 16.76 28.33
N TYR A 78 -7.24 16.18 29.34
CA TYR A 78 -7.80 16.16 30.69
C TYR A 78 -7.78 17.57 31.31
N ALA A 79 -6.60 18.20 31.31
CA ALA A 79 -6.49 19.55 31.84
C ALA A 79 -7.44 20.50 31.12
N LYS A 80 -7.53 20.37 29.79
CA LYS A 80 -8.40 21.27 29.04
C LYS A 80 -9.85 21.14 29.48
N ASN A 81 -10.30 19.92 29.72
CA ASN A 81 -11.70 19.73 30.07
C ASN A 81 -11.96 19.93 31.57
N LYS A 82 -10.91 19.84 32.40
CA LYS A 82 -11.04 20.34 33.78
C LYS A 82 -11.00 21.85 33.86
N GLY A 83 -10.83 22.55 32.73
CA GLY A 83 -10.71 23.99 32.73
C GLY A 83 -9.34 24.54 33.10
N LYS A 84 -8.31 23.69 33.16
CA LYS A 84 -6.99 24.15 33.58
C LYS A 84 -6.28 24.90 32.47
N ILE A 85 -6.53 24.55 31.20
CA ILE A 85 -5.92 25.21 30.06
C ILE A 85 -6.98 25.41 28.98
N SER A 86 -6.68 26.34 28.09
CA SER A 86 -7.36 26.45 26.80
C SER A 86 -6.31 26.19 25.72
N PHE A 87 -6.72 25.47 24.67
CA PHE A 87 -5.79 25.20 23.59
C PHE A 87 -5.40 26.46 22.80
N ASP A 88 -6.15 27.55 22.97
CA ASP A 88 -5.78 28.85 22.40
C ASP A 88 -4.78 29.61 23.26
N ASP A 89 -4.50 29.14 24.48
CA ASP A 89 -3.52 29.80 25.32
C ASP A 89 -2.12 29.63 24.76
N THR A 90 -1.26 30.57 25.08
CA THR A 90 0.15 30.50 24.74
C THR A 90 0.94 30.03 25.96
N PRO A 91 2.14 29.45 25.77
CA PRO A 91 2.84 28.85 26.93
C PRO A 91 3.25 29.86 27.97
N GLY A 92 3.38 31.14 27.62
CA GLY A 92 3.72 32.16 28.60
C GLY A 92 2.68 32.41 29.67
N LYS A 93 1.45 31.91 29.48
CA LYS A 93 0.46 32.03 30.54
C LYS A 93 0.75 31.12 31.71
N TYR A 94 1.49 30.04 31.49
CA TYR A 94 1.77 29.05 32.53
C TYR A 94 3.25 28.98 32.90
N TRP A 95 4.13 29.05 31.91
CA TRP A 95 5.57 29.17 32.14
C TRP A 95 5.92 30.64 32.01
N LYS A 96 5.94 31.35 33.16
CA LYS A 96 5.98 32.81 33.14
C LYS A 96 7.23 33.35 32.48
N GLU A 97 8.35 32.64 32.60
CA GLU A 97 9.59 33.09 31.98
C GLU A 97 9.54 33.06 30.45
N LEU A 98 8.47 32.54 29.86
CA LEU A 98 8.29 32.57 28.42
C LEU A 98 7.40 33.70 27.94
N LYS A 99 6.76 34.44 28.85
CA LYS A 99 6.00 35.61 28.43
C LYS A 99 6.93 36.63 27.78
N ASN A 100 6.43 37.31 26.75
CA ASN A 100 7.14 38.37 26.01
C ASN A 100 8.21 37.79 25.08
N THR A 101 8.28 36.47 24.91
CA THR A 101 9.29 35.84 24.07
C THR A 101 8.68 35.38 22.74
N PRO A 102 9.51 35.05 21.75
CA PRO A 102 8.96 34.60 20.46
C PRO A 102 8.08 33.37 20.54
N ILE A 103 8.44 32.39 21.37
CA ILE A 103 7.63 31.18 21.47
C ILE A 103 6.24 31.48 22.03
N ASP A 104 6.08 32.62 22.72
CA ASP A 104 4.78 32.98 23.27
C ASP A 104 3.76 33.39 22.21
N GLN A 105 4.13 33.40 20.92
CA GLN A 105 3.17 33.58 19.85
C GLN A 105 2.48 32.27 19.45
N VAL A 106 3.02 31.13 19.88
CA VAL A 106 2.49 29.82 19.51
C VAL A 106 1.47 29.39 20.56
N ASN A 107 0.31 28.92 20.12
CA ASN A 107 -0.67 28.46 21.10
C ASN A 107 -0.47 26.96 21.39
N LEU A 108 -1.17 26.50 22.43
CA LEU A 108 -0.92 25.15 22.95
C LEU A 108 -1.30 24.08 21.94
N LEU A 109 -2.35 24.31 21.14
CA LEU A 109 -2.71 23.31 20.14
C LEU A 109 -1.63 23.19 19.07
N GLN A 110 -1.06 24.33 18.67
CA GLN A 110 0.00 24.34 17.67
C GLN A 110 1.25 23.63 18.17
N LEU A 111 1.59 23.81 19.44
CA LEU A 111 2.68 23.03 20.03
C LEU A 111 2.36 21.54 20.01
N ALA A 112 1.14 21.19 20.43
CA ALA A 112 0.75 19.78 20.52
C ALA A 112 0.73 19.10 19.17
N THR A 113 0.46 19.86 18.10
CA THR A 113 0.34 19.30 16.76
C THR A 113 1.48 19.74 15.83
N TYR A 114 2.61 20.17 16.39
CA TYR A 114 3.87 20.31 15.64
C TYR A 114 3.82 21.42 14.59
N THR A 115 3.15 22.53 14.85
CA THR A 115 3.07 23.57 13.83
C THR A 115 3.64 24.91 14.29
N SER A 116 4.63 24.89 15.20
CA SER A 116 5.27 26.15 15.59
C SER A 116 5.99 26.81 14.42
N GLY A 117 6.46 26.02 13.45
CA GLY A 117 7.20 26.54 12.32
C GLY A 117 8.70 26.50 12.48
N ASN A 118 9.21 26.15 13.67
CA ASN A 118 10.66 26.03 13.84
C ASN A 118 11.02 25.20 15.06
N LEU A 119 10.58 23.95 15.09
CA LEU A 119 10.98 23.00 16.12
C LEU A 119 11.33 21.69 15.46
N ALA A 120 12.53 21.19 15.73
CA ALA A 120 13.03 20.00 15.07
C ALA A 120 12.51 18.74 15.77
N LEU A 121 12.84 17.59 15.18
CA LEU A 121 12.46 16.30 15.72
C LEU A 121 12.84 16.16 17.19
N GLN A 122 14.10 16.46 17.52
CA GLN A 122 14.61 16.33 18.88
C GLN A 122 15.22 17.65 19.36
N PHE A 123 15.32 17.79 20.68
CA PHE A 123 16.20 18.78 21.26
C PHE A 123 17.64 18.56 20.77
N PRO A 124 18.46 19.61 20.75
CA PRO A 124 19.91 19.41 20.62
C PRO A 124 20.40 18.43 21.69
N ASP A 125 21.47 17.70 21.36
CA ASP A 125 21.97 16.69 22.29
C ASP A 125 22.43 17.27 23.61
N GLU A 126 22.75 18.55 23.66
CA GLU A 126 23.24 19.17 24.88
C GLU A 126 22.13 19.74 25.76
N VAL A 127 20.88 19.69 25.33
CA VAL A 127 19.77 20.22 26.12
C VAL A 127 19.31 19.10 27.06
N LYS A 128 19.75 19.17 28.31
CA LYS A 128 19.40 18.16 29.31
C LYS A 128 18.87 18.83 30.58
N THR A 129 19.59 19.82 31.08
CA THR A 129 19.14 20.55 32.26
C THR A 129 17.78 21.18 32.01
N ASP A 130 16.90 21.07 33.01
CA ASP A 130 15.58 21.71 32.91
C ASP A 130 15.70 23.22 32.67
N GLN A 131 16.82 23.82 33.06
CA GLN A 131 17.10 25.21 32.73
C GLN A 131 17.53 25.36 31.28
N GLN A 132 18.28 24.38 30.75
CA GLN A 132 18.65 24.42 29.34
C GLN A 132 17.43 24.35 28.44
N VAL A 133 16.37 23.67 28.88
CA VAL A 133 15.11 23.68 28.13
C VAL A 133 14.51 25.07 28.12
N LEU A 134 14.44 25.72 29.27
CA LEU A 134 13.94 27.10 29.33
C LEU A 134 14.79 28.02 28.47
N THR A 135 16.12 27.86 28.51
CA THR A 135 17.00 28.64 27.66
C THR A 135 16.73 28.38 26.19
N PHE A 136 16.55 27.11 25.82
CA PHE A 136 16.26 26.74 24.44
C PHE A 136 15.00 27.43 23.93
N PHE A 137 13.95 27.49 24.75
CA PHE A 137 12.73 28.13 24.30
C PHE A 137 12.81 29.65 24.40
N LYS A 138 13.54 30.17 25.38
CA LYS A 138 13.81 31.60 25.42
C LYS A 138 14.58 32.03 24.17
N ASP A 139 15.54 31.23 23.72
CA ASP A 139 16.33 31.53 22.53
C ASP A 139 15.64 31.14 21.23
N TRP A 140 14.44 30.58 21.30
CA TRP A 140 13.75 30.13 20.09
C TRP A 140 13.25 31.33 19.28
N LYS A 141 13.42 31.24 17.97
CA LYS A 141 12.87 32.25 17.07
C LYS A 141 12.06 31.59 15.96
N PRO A 142 10.99 32.24 15.52
CA PRO A 142 10.19 31.68 14.42
C PRO A 142 10.97 31.61 13.12
N LYS A 143 10.51 30.70 12.24
CA LYS A 143 11.07 30.51 10.92
C LYS A 143 9.95 30.49 9.89
N ASN A 144 9.36 29.32 9.65
CA ASN A 144 8.14 29.25 8.87
C ASN A 144 7.00 29.92 9.63
N SER A 145 5.97 30.34 8.88
CA SER A 145 4.81 30.98 9.49
C SER A 145 4.20 30.04 10.53
N ILE A 146 3.86 30.61 11.69
CA ILE A 146 3.31 29.79 12.78
C ILE A 146 1.96 29.23 12.36
N GLY A 147 1.81 27.90 12.52
CA GLY A 147 0.54 27.23 12.29
C GLY A 147 0.33 26.67 10.90
N GLU A 148 1.28 26.87 9.97
CA GLU A 148 1.06 26.46 8.59
C GLU A 148 1.78 25.18 8.19
N TYR A 149 2.85 24.82 8.90
CA TYR A 149 3.71 23.69 8.53
C TYR A 149 3.80 22.73 9.70
N ARG A 150 3.48 21.47 9.44
CA ARG A 150 3.71 20.42 10.42
C ARG A 150 5.13 19.92 10.30
N GLN A 151 5.88 20.01 11.39
CA GLN A 151 7.17 19.33 11.49
C GLN A 151 7.16 18.52 12.77
N TYR A 152 7.11 17.20 12.62
CA TYR A 152 7.04 16.32 13.78
C TYR A 152 8.19 16.61 14.73
N SER A 153 7.87 16.81 16.01
CA SER A 153 8.82 17.42 16.94
C SER A 153 8.51 17.00 18.36
N ASN A 154 9.49 16.37 19.02
CA ASN A 154 9.42 16.05 20.43
C ASN A 154 9.52 17.31 21.30
N PRO A 155 10.39 18.27 21.00
CA PRO A 155 10.36 19.52 21.77
C PRO A 155 8.98 20.18 21.76
N SER A 156 8.31 20.15 20.61
CA SER A 156 7.03 20.85 20.46
C SER A 156 5.99 20.32 21.44
N ILE A 157 5.71 19.01 21.39
CA ILE A 157 4.73 18.47 22.31
C ILE A 157 5.31 18.34 23.73
N GLY A 158 6.64 18.30 23.86
CA GLY A 158 7.25 18.38 25.19
C GLY A 158 6.94 19.69 25.91
N LEU A 159 7.04 20.82 25.19
CA LEU A 159 6.63 22.09 25.79
C LEU A 159 5.15 22.06 26.14
N PHE A 160 4.33 21.45 25.28
CA PHE A 160 2.91 21.31 25.58
C PHE A 160 2.71 20.55 26.88
N GLY A 161 3.41 19.42 27.05
CA GLY A 161 3.28 18.66 28.30
C GLY A 161 3.75 19.45 29.52
N LYS A 162 4.85 20.18 29.37
CA LYS A 162 5.33 21.03 30.46
C LYS A 162 4.26 22.03 30.88
N VAL A 163 3.60 22.66 29.90
CA VAL A 163 2.53 23.61 30.21
C VAL A 163 1.36 22.89 30.88
N VAL A 164 1.05 21.68 30.44
CA VAL A 164 -0.05 20.93 31.04
C VAL A 164 0.24 20.71 32.53
N ALA A 165 1.44 20.19 32.83
CA ALA A 165 1.81 19.92 34.22
C ALA A 165 1.76 21.18 35.08
N LEU A 166 2.25 22.31 34.56
CA LEU A 166 2.18 23.55 35.33
C LEU A 166 0.73 23.93 35.63
N SER A 167 -0.16 23.74 34.66
CA SER A 167 -1.57 24.08 34.86
C SER A 167 -2.22 23.20 35.91
N MET A 168 -1.66 22.04 36.21
CA MET A 168 -2.15 21.16 37.25
C MET A 168 -1.31 21.23 38.50
N ASN A 169 -0.33 22.14 38.55
CA ASN A 169 0.54 22.36 39.71
C ASN A 169 1.15 21.05 40.22
N LYS A 170 1.74 20.28 39.30
CA LYS A 170 2.42 19.04 39.64
C LYS A 170 3.52 18.79 38.61
N PRO A 171 4.60 18.13 39.00
CA PRO A 171 5.54 17.61 38.00
C PRO A 171 4.82 16.73 36.99
N PHE A 172 5.31 16.75 35.76
CA PHE A 172 4.64 16.02 34.69
C PHE A 172 4.56 14.52 35.00
N ASP A 173 5.61 13.95 35.58
CA ASP A 173 5.57 12.52 35.86
C ASP A 173 4.50 12.21 36.91
N GLN A 174 4.23 13.15 37.80
CA GLN A 174 3.15 12.95 38.78
C GLN A 174 1.79 13.18 38.16
N VAL A 175 1.70 14.00 37.10
CA VAL A 175 0.45 14.09 36.34
C VAL A 175 0.06 12.71 35.81
N LEU A 176 1.01 12.01 35.21
CA LEU A 176 0.69 10.68 34.67
C LEU A 176 0.50 9.66 35.78
N GLU A 177 1.48 9.56 36.69
CA GLU A 177 1.47 8.45 37.63
C GLU A 177 0.38 8.59 38.70
N LYS A 178 0.02 9.82 39.07
CA LYS A 178 -0.99 10.03 40.11
C LYS A 178 -2.36 10.39 39.56
N THR A 179 -2.47 10.89 38.32
CA THR A 179 -3.76 11.28 37.78
C THR A 179 -4.15 10.47 36.55
N ILE A 180 -3.34 10.48 35.49
CA ILE A 180 -3.80 9.94 34.23
C ILE A 180 -3.78 8.43 34.24
N PHE A 181 -2.67 7.82 34.66
CA PHE A 181 -2.60 6.36 34.70
C PHE A 181 -3.70 5.78 35.59
N PRO A 182 -3.94 6.27 36.81
CA PRO A 182 -5.03 5.70 37.61
C PRO A 182 -6.39 5.89 36.99
N ALA A 183 -6.66 7.05 36.37
CA ALA A 183 -7.95 7.26 35.72
C ALA A 183 -8.16 6.30 34.57
N LEU A 184 -7.08 5.81 33.95
CA LEU A 184 -7.20 4.85 32.87
C LEU A 184 -7.08 3.42 33.35
N GLY A 185 -6.99 3.19 34.65
CA GLY A 185 -6.87 1.84 35.17
C GLY A 185 -5.55 1.16 34.89
N LEU A 186 -4.50 1.92 34.60
CA LEU A 186 -3.18 1.36 34.32
C LEU A 186 -2.45 1.18 35.65
N LYS A 187 -2.03 -0.06 35.93
CA LYS A 187 -1.36 -0.40 37.18
C LYS A 187 0.14 -0.58 37.05
N HIS A 188 0.67 -0.76 35.83
CA HIS A 188 2.07 -1.06 35.61
C HIS A 188 2.66 -0.17 34.52
N SER A 189 2.30 1.11 34.57
CA SER A 189 2.79 2.11 33.64
C SER A 189 3.50 3.20 34.44
N TYR A 190 4.67 3.61 33.97
CA TYR A 190 5.54 4.46 34.75
C TYR A 190 6.28 5.45 33.88
N VAL A 191 6.53 6.63 34.44
CA VAL A 191 7.59 7.48 33.94
C VAL A 191 8.92 7.06 34.56
N ASN A 192 8.91 6.71 35.84
CA ASN A 192 10.09 6.22 36.55
C ASN A 192 9.74 4.84 37.10
N VAL A 193 10.41 3.82 36.61
CA VAL A 193 10.16 2.44 37.03
C VAL A 193 10.72 2.24 38.43
N PRO A 194 9.88 1.89 39.41
CA PRO A 194 10.38 1.70 40.78
C PRO A 194 11.36 0.53 40.88
N LYS A 195 12.22 0.60 41.90
CA LYS A 195 13.19 -0.45 42.14
C LYS A 195 12.55 -1.82 42.23
N THR A 196 11.37 -1.91 42.84
CA THR A 196 10.68 -3.18 43.01
C THR A 196 10.19 -3.78 41.69
N GLN A 197 10.22 -3.01 40.60
CA GLN A 197 9.82 -3.48 39.29
C GLN A 197 11.00 -3.68 38.34
N MET A 198 12.23 -3.45 38.80
CA MET A 198 13.34 -3.51 37.85
C MET A 198 13.56 -4.93 37.31
N GLN A 199 13.20 -5.96 38.07
CA GLN A 199 13.32 -7.31 37.51
C GLN A 199 12.32 -7.56 36.38
N ASN A 200 11.33 -6.68 36.19
CA ASN A 200 10.39 -6.80 35.06
C ASN A 200 10.74 -5.87 33.92
N TYR A 201 11.73 -4.99 34.09
CA TYR A 201 12.08 -4.00 33.08
C TYR A 201 12.93 -4.69 32.03
N ALA A 202 12.37 -4.88 30.82
CA ALA A 202 13.13 -5.49 29.74
C ALA A 202 14.42 -4.73 29.46
N PHE A 203 15.46 -5.48 29.12
CA PHE A 203 16.62 -4.91 28.46
C PHE A 203 16.22 -4.49 27.05
N GLY A 204 16.66 -3.30 26.65
CA GLY A 204 16.58 -2.92 25.25
C GLY A 204 17.84 -3.36 24.53
N TYR A 205 17.71 -3.67 23.24
CA TYR A 205 18.81 -4.24 22.47
C TYR A 205 19.05 -3.38 21.25
N ASN A 206 20.33 -3.05 21.02
CA ASN A 206 20.69 -2.18 19.91
C ASN A 206 20.86 -3.00 18.63
N GLN A 207 21.29 -2.36 17.56
CA GLN A 207 21.36 -3.09 16.30
C GLN A 207 22.49 -4.11 16.26
N GLU A 208 23.35 -4.16 17.28
CA GLU A 208 24.32 -5.26 17.45
C GLU A 208 23.84 -6.27 18.49
N ASN A 209 22.56 -6.22 18.86
CA ASN A 209 21.95 -7.08 19.89
C ASN A 209 22.71 -7.01 21.21
N GLN A 210 23.28 -5.85 21.50
CA GLN A 210 23.83 -5.60 22.82
C GLN A 210 22.77 -4.96 23.71
N PRO A 211 22.65 -5.43 24.95
CA PRO A 211 21.68 -4.84 25.88
C PRO A 211 22.10 -3.43 26.25
N ILE A 212 21.14 -2.51 26.23
CA ILE A 212 21.46 -1.11 26.48
C ILE A 212 20.46 -0.49 27.45
N ALA A 221 16.66 14.24 30.01
CA ALA A 221 16.01 15.51 30.30
C ALA A 221 14.60 15.27 30.85
N ALA A 222 14.17 16.12 31.80
CA ALA A 222 12.86 15.98 32.41
C ALA A 222 11.74 16.28 31.42
N PRO A 223 11.86 17.30 30.54
CA PRO A 223 10.87 17.45 29.47
C PRO A 223 10.92 16.37 28.40
N ALA A 224 11.89 15.44 28.47
CA ALA A 224 11.82 14.21 27.69
C ALA A 224 10.87 13.26 28.41
N TYR A 225 9.59 13.42 28.11
CA TYR A 225 8.52 12.68 28.76
C TYR A 225 8.42 11.29 28.12
N ASP A 226 8.76 10.24 28.88
CA ASP A 226 8.87 8.90 28.30
C ASP A 226 8.30 7.85 29.23
N VAL A 227 7.37 7.08 28.71
CA VAL A 227 6.57 6.15 29.50
C VAL A 227 7.04 4.73 29.27
N LYS A 228 6.98 3.93 30.33
CA LYS A 228 7.22 2.49 30.29
C LYS A 228 5.93 1.77 30.64
N SER A 229 5.67 0.65 29.96
CA SER A 229 4.40 -0.04 30.18
C SER A 229 4.48 -1.51 29.80
N THR A 230 3.48 -2.25 30.22
CA THR A 230 3.30 -3.67 29.89
C THR A 230 2.26 -3.83 28.81
N LEU A 231 2.21 -5.02 28.23
CA LEU A 231 1.18 -5.30 27.24
C LEU A 231 -0.22 -5.25 27.84
N PRO A 232 -0.49 -5.81 29.03
CA PRO A 232 -1.83 -5.65 29.62
C PRO A 232 -2.23 -4.19 29.80
N ASP A 233 -1.32 -3.35 30.27
CA ASP A 233 -1.65 -1.95 30.45
C ASP A 233 -1.93 -1.28 29.11
N MET A 234 -1.19 -1.64 28.07
CA MET A 234 -1.42 -1.02 26.76
C MET A 234 -2.70 -1.54 26.13
N LEU A 235 -3.06 -2.80 26.39
CA LEU A 235 -4.37 -3.27 25.95
C LEU A 235 -5.49 -2.55 26.70
N SER A 236 -5.27 -2.25 27.97
CA SER A 236 -6.25 -1.46 28.73
C SER A 236 -6.32 -0.03 28.21
N PHE A 237 -5.18 0.55 27.83
CA PHE A 237 -5.20 1.89 27.26
C PHE A 237 -5.99 1.90 25.96
N ILE A 238 -5.77 0.91 25.11
CA ILE A 238 -6.53 0.75 23.88
C ILE A 238 -8.02 0.57 24.19
N HIS A 239 -8.33 -0.25 25.21
CA HIS A 239 -9.72 -0.41 25.63
C HIS A 239 -10.35 0.93 26.00
N ALA A 240 -9.59 1.78 26.70
CA ALA A 240 -10.10 3.10 27.05
C ALA A 240 -10.39 3.93 25.81
N ASN A 241 -9.51 3.86 24.81
CA ASN A 241 -9.73 4.61 23.58
C ASN A 241 -10.88 4.05 22.77
N LEU A 242 -11.09 2.73 22.82
CA LEU A 242 -12.26 2.12 22.17
C LEU A 242 -13.56 2.40 22.92
N ASN A 243 -13.50 2.62 24.23
CA ASN A 243 -14.70 2.68 25.06
C ASN A 243 -14.66 3.85 26.03
N PRO A 244 -14.55 5.08 25.51
CA PRO A 244 -14.46 6.22 26.44
C PRO A 244 -15.69 6.40 27.30
N GLN A 245 -16.84 5.91 26.86
CA GLN A 245 -18.06 6.05 27.65
C GLN A 245 -18.04 5.22 28.92
N LYS A 246 -17.12 4.25 29.03
CA LYS A 246 -16.99 3.44 30.22
C LYS A 246 -16.16 4.08 31.31
N TYR A 247 -15.74 5.33 31.13
CA TYR A 247 -14.78 5.96 32.02
C TYR A 247 -15.37 7.24 32.63
N PRO A 248 -14.82 7.69 33.76
CA PRO A 248 -15.34 8.91 34.38
C PRO A 248 -15.32 10.08 33.42
N ALA A 249 -16.17 11.07 33.70
CA ALA A 249 -16.38 12.18 32.78
C ALA A 249 -15.07 12.87 32.38
N ASP A 250 -14.18 13.10 33.35
CA ASP A 250 -12.99 13.90 33.05
C ASP A 250 -12.07 13.16 32.08
N ILE A 251 -11.73 11.91 32.40
CA ILE A 251 -10.88 11.13 31.52
C ILE A 251 -11.61 10.77 30.22
N GLN A 252 -12.93 10.55 30.27
CA GLN A 252 -13.69 10.33 29.04
C GLN A 252 -13.52 11.51 28.08
N ARG A 253 -13.79 12.72 28.56
CA ARG A 253 -13.61 13.89 27.71
C ARG A 253 -12.15 14.04 27.28
N ALA A 254 -11.22 13.69 28.16
CA ALA A 254 -9.80 13.75 27.81
C ALA A 254 -9.50 12.86 26.60
N ILE A 255 -10.01 11.64 26.60
CA ILE A 255 -9.73 10.71 25.51
C ILE A 255 -10.37 11.19 24.22
N ASN A 256 -11.64 11.61 24.29
CA ASN A 256 -12.31 12.13 23.10
C ASN A 256 -11.56 13.32 22.53
N GLU A 257 -10.96 14.14 23.38
CA GLU A 257 -10.19 15.29 22.90
C GLU A 257 -8.99 14.83 22.06
N THR A 258 -8.36 13.72 22.45
CA THR A 258 -7.24 13.24 21.66
C THR A 258 -7.67 12.60 20.35
N HIS A 259 -8.96 12.27 20.20
CA HIS A 259 -9.44 11.66 18.96
C HIS A 259 -9.87 12.68 17.91
N GLN A 260 -9.95 13.95 18.24
CA GLN A 260 -10.43 14.94 17.27
C GLN A 260 -9.32 15.30 16.29
N GLY A 261 -9.52 14.99 15.01
CA GLY A 261 -8.58 15.47 14.01
C GLY A 261 -8.55 16.99 14.02
N ARG A 262 -7.37 17.55 13.78
CA ARG A 262 -7.17 19.00 13.83
C ARG A 262 -6.89 19.62 12.48
N TYR A 263 -6.18 18.90 11.63
CA TYR A 263 -5.86 19.32 10.27
C TYR A 263 -5.44 18.06 9.54
N GLN A 264 -5.21 18.19 8.24
CA GLN A 264 -4.75 17.08 7.42
C GLN A 264 -3.40 17.39 6.76
N VAL A 265 -2.64 16.34 6.53
CA VAL A 265 -1.54 16.34 5.58
C VAL A 265 -1.82 15.17 4.66
N ASN A 266 -2.33 15.44 3.46
CA ASN A 266 -2.75 14.39 2.52
C ASN A 266 -3.80 13.54 3.22
N THR A 267 -3.64 12.21 3.24
CA THR A 267 -4.61 11.28 3.79
C THR A 267 -4.52 11.15 5.30
N MET A 268 -3.57 11.81 5.96
CA MET A 268 -3.40 11.68 7.39
C MET A 268 -4.07 12.84 8.11
N TYR A 269 -4.83 12.52 9.14
CA TYR A 269 -5.41 13.52 10.03
C TYR A 269 -4.58 13.54 11.29
N GLN A 270 -4.12 14.73 11.69
CA GLN A 270 -3.36 14.89 12.93
C GLN A 270 -4.34 15.12 14.07
N ALA A 271 -4.47 14.14 14.95
CA ALA A 271 -5.24 14.35 16.17
C ALA A 271 -4.25 14.73 17.26
N LEU A 272 -4.64 14.66 18.53
CA LEU A 272 -3.70 14.92 19.61
C LEU A 272 -2.92 13.63 19.86
N GLY A 273 -1.64 13.64 19.52
CA GLY A 273 -0.82 12.47 19.74
C GLY A 273 -1.08 11.43 18.68
N TRP A 274 -2.33 10.97 18.63
CA TRP A 274 -2.75 10.01 17.63
C TRP A 274 -2.69 10.59 16.23
N GLU A 275 -2.34 9.74 15.28
CA GLU A 275 -2.59 9.95 13.87
C GLU A 275 -3.90 9.26 13.50
N GLU A 276 -4.68 9.94 12.66
CA GLU A 276 -6.05 9.53 12.38
C GLU A 276 -6.20 9.35 10.87
N PHE A 277 -7.00 8.36 10.48
CA PHE A 277 -7.22 8.05 9.08
C PHE A 277 -8.67 7.65 8.87
N SER A 278 -9.16 7.89 7.65
CA SER A 278 -10.43 7.36 7.24
C SER A 278 -10.34 5.84 7.16
N TYR A 279 -11.35 5.15 7.71
CA TYR A 279 -11.41 3.70 7.67
C TYR A 279 -12.54 3.23 6.77
N PRO A 280 -12.29 2.23 5.89
CA PRO A 280 -11.01 1.51 5.75
C PRO A 280 -9.88 2.33 5.17
N ALA A 281 -8.69 2.16 5.75
CA ALA A 281 -7.48 2.82 5.28
C ALA A 281 -6.69 1.84 4.42
N THR A 282 -6.28 2.27 3.23
CA THR A 282 -5.32 1.49 2.47
C THR A 282 -4.03 1.33 3.26
N LEU A 283 -3.35 0.20 3.06
CA LEU A 283 -2.02 0.03 3.65
C LEU A 283 -1.10 1.20 3.32
N GLN A 284 -1.10 1.66 2.07
CA GLN A 284 -0.15 2.70 1.70
C GLN A 284 -0.47 4.02 2.41
N THR A 285 -1.75 4.33 2.64
CA THR A 285 -2.11 5.45 3.52
C THR A 285 -1.41 5.34 4.88
N LEU A 286 -1.51 4.18 5.53
CA LEU A 286 -0.83 4.01 6.82
C LEU A 286 0.70 4.12 6.67
N LEU A 287 1.27 3.53 5.60
CA LEU A 287 2.72 3.62 5.40
C LEU A 287 3.16 5.05 5.09
N ASP A 288 2.36 5.80 4.33
CA ASP A 288 2.70 7.19 4.03
C ASP A 288 2.89 8.01 5.30
N SER A 289 2.06 7.75 6.31
CA SER A 289 2.14 8.49 7.57
C SER A 289 3.50 8.35 8.24
N ASN A 290 4.25 7.30 7.89
N ASN A 290 4.25 7.30 7.92
CA ASN A 290 5.57 7.05 8.44
CA ASN A 290 5.58 7.13 8.47
C ASN A 290 6.69 7.38 7.45
C ASN A 290 6.67 7.27 7.40
N SER A 291 6.35 7.88 6.26
CA SER A 291 7.36 8.18 5.26
C SER A 291 8.31 9.26 5.76
N GLU A 292 9.53 9.25 5.23
CA GLU A 292 10.48 10.30 5.55
C GLU A 292 9.90 11.68 5.26
N GLN A 293 9.15 11.82 4.17
CA GLN A 293 8.49 13.08 3.84
C GLN A 293 7.62 13.59 4.99
N ILE A 294 6.81 12.70 5.56
CA ILE A 294 5.88 13.10 6.60
C ILE A 294 6.58 13.21 7.94
N VAL A 295 7.50 12.28 8.24
CA VAL A 295 8.08 12.23 9.58
C VAL A 295 9.23 13.21 9.73
N MET A 296 10.04 13.40 8.69
CA MET A 296 11.29 14.12 8.84
C MET A 296 11.30 15.51 8.23
N LYS A 297 10.29 15.88 7.45
CA LYS A 297 10.30 17.13 6.72
C LYS A 297 9.08 17.97 7.07
N PRO A 298 9.15 19.28 6.86
CA PRO A 298 7.96 20.11 7.08
C PRO A 298 6.97 19.92 5.94
N ASN A 299 5.67 19.89 6.28
CA ASN A 299 4.62 19.79 5.29
C ASN A 299 3.55 20.83 5.58
N LYS A 300 3.11 21.54 4.55
CA LYS A 300 1.98 22.45 4.70
C LYS A 300 0.73 21.67 5.09
N VAL A 301 0.01 22.16 6.10
CA VAL A 301 -1.17 21.50 6.61
C VAL A 301 -2.37 22.13 5.93
N THR A 302 -3.45 21.36 5.83
CA THR A 302 -4.69 21.87 5.26
C THR A 302 -5.85 21.58 6.20
N ALA A 303 -6.88 22.42 6.13
CA ALA A 303 -8.04 22.18 6.95
C ALA A 303 -8.65 20.82 6.62
N ILE A 304 -9.21 20.19 7.64
CA ILE A 304 -10.07 19.03 7.40
C ILE A 304 -11.19 19.42 6.45
N SER A 305 -11.35 18.64 5.39
CA SER A 305 -12.51 18.72 4.51
C SER A 305 -13.48 17.61 4.84
N LYS A 306 -13.06 16.36 4.59
CA LYS A 306 -13.88 15.20 4.97
C LYS A 306 -13.67 14.93 6.45
N GLU A 307 -14.68 15.21 7.27
CA GLU A 307 -14.63 14.79 8.66
C GLU A 307 -14.91 13.28 8.71
N PRO A 308 -13.92 12.44 8.95
CA PRO A 308 -14.14 10.99 8.80
C PRO A 308 -15.15 10.48 9.82
N SER A 309 -16.24 9.91 9.32
CA SER A 309 -17.24 9.31 10.20
C SER A 309 -16.73 8.01 10.79
N VAL A 310 -16.17 7.16 9.94
CA VAL A 310 -15.59 5.88 10.34
C VAL A 310 -14.08 6.05 10.21
N LYS A 311 -13.36 5.81 11.30
CA LYS A 311 -11.94 6.16 11.30
C LYS A 311 -11.15 5.20 12.15
N MET A 312 -9.84 5.32 12.03
CA MET A 312 -8.89 4.54 12.79
C MET A 312 -7.71 5.43 13.16
N TYR A 313 -6.97 4.97 14.16
CA TYR A 313 -5.90 5.74 14.75
C TYR A 313 -4.70 4.83 14.94
N HIS A 314 -3.51 5.40 14.79
CA HIS A 314 -2.32 4.61 15.11
C HIS A 314 -1.20 5.53 15.57
N LYS A 315 -0.17 4.91 16.14
CA LYS A 315 1.03 5.64 16.51
C LYS A 315 2.19 4.65 16.57
N THR A 316 3.29 4.98 15.91
CA THR A 316 4.54 4.25 16.09
C THR A 316 5.37 4.92 17.17
N GLY A 317 6.24 4.14 17.80
CA GLY A 317 7.18 4.72 18.74
C GLY A 317 8.44 3.88 18.85
N SER A 318 9.57 4.55 19.07
CA SER A 318 10.84 3.84 19.25
C SER A 318 11.69 4.55 20.30
N THR A 319 12.55 3.77 20.95
CA THR A 319 13.80 4.17 21.61
C THR A 319 14.93 3.38 20.97
N ASN A 320 16.18 3.64 21.37
N ASN A 320 16.16 3.66 21.43
CA ASN A 320 17.27 2.93 20.69
CA ASN A 320 17.34 3.01 20.87
C ASN A 320 17.10 1.42 20.83
C ASN A 320 17.26 1.48 20.94
N GLY A 321 16.60 0.95 21.97
CA GLY A 321 16.45 -0.48 22.18
C GLY A 321 15.03 -1.02 22.19
N PHE A 322 14.03 -0.25 21.77
CA PHE A 322 12.64 -0.68 21.82
C PHE A 322 11.84 -0.17 20.63
N GLY A 323 10.82 -0.94 20.25
CA GLY A 323 9.85 -0.48 19.28
C GLY A 323 8.44 -0.72 19.78
N THR A 324 7.53 0.17 19.37
CA THR A 324 6.13 0.10 19.75
C THR A 324 5.26 0.43 18.55
N TYR A 325 4.10 -0.21 18.47
CA TYR A 325 3.06 0.20 17.55
C TYR A 325 1.73 -0.02 18.22
N VAL A 326 0.85 0.99 18.16
CA VAL A 326 -0.50 0.86 18.66
C VAL A 326 -1.46 1.37 17.58
N VAL A 327 -2.55 0.64 17.39
CA VAL A 327 -3.54 0.95 16.37
C VAL A 327 -4.90 0.52 16.87
N PHE A 328 -5.94 1.30 16.58
CA PHE A 328 -7.27 0.85 16.96
C PHE A 328 -8.29 1.44 16.00
N ILE A 329 -9.41 0.73 15.89
CA ILE A 329 -10.50 1.03 14.96
C ILE A 329 -11.80 1.01 15.75
N PRO A 330 -12.29 2.18 16.20
CA PRO A 330 -13.47 2.20 17.08
C PRO A 330 -14.66 1.41 16.57
N LYS A 331 -15.06 1.61 15.32
CA LYS A 331 -16.31 0.99 14.90
C LYS A 331 -16.15 -0.48 14.55
N GLU A 332 -14.93 -0.98 14.43
CA GLU A 332 -14.69 -2.41 14.40
C GLU A 332 -14.45 -2.99 15.79
N ASN A 333 -14.45 -2.13 16.82
CA ASN A 333 -14.27 -2.57 18.22
C ASN A 333 -13.01 -3.41 18.38
N ILE A 334 -11.93 -2.97 17.75
CA ILE A 334 -10.71 -3.78 17.73
C ILE A 334 -9.49 -2.87 17.79
N GLY A 335 -8.43 -3.39 18.42
CA GLY A 335 -7.15 -2.72 18.40
C GLY A 335 -6.01 -3.69 18.62
N LEU A 336 -4.79 -3.20 18.41
CA LEU A 336 -3.61 -4.03 18.51
C LEU A 336 -2.44 -3.22 19.05
N VAL A 337 -1.62 -3.88 19.89
CA VAL A 337 -0.39 -3.30 20.42
C VAL A 337 0.74 -4.27 20.09
N MET A 338 1.87 -3.73 19.63
CA MET A 338 3.11 -4.48 19.48
C MET A 338 4.19 -3.78 20.30
N LEU A 339 4.90 -4.55 21.12
CA LEU A 339 6.03 -4.05 21.88
C LEU A 339 7.21 -4.98 21.59
N THR A 340 8.39 -4.40 21.38
CA THR A 340 9.61 -5.19 21.17
C THR A 340 10.77 -4.54 21.91
N ASN A 341 11.71 -5.38 22.36
CA ASN A 341 12.94 -4.86 22.95
C ASN A 341 14.09 -4.86 21.92
N LYS A 342 13.74 -4.57 20.67
CA LYS A 342 14.68 -4.20 19.63
C LYS A 342 13.89 -3.44 18.58
N ARG A 343 14.44 -2.32 18.10
CA ARG A 343 13.80 -1.60 17.00
C ARG A 343 13.70 -2.47 15.76
N ILE A 344 12.53 -2.45 15.12
CA ILE A 344 12.37 -2.96 13.76
C ILE A 344 11.74 -1.84 12.94
N PRO A 345 11.90 -1.88 11.61
CA PRO A 345 11.39 -0.77 10.77
C PRO A 345 9.90 -0.52 11.03
N ASN A 346 9.54 0.77 11.11
CA ASN A 346 8.13 1.12 11.31
C ASN A 346 7.24 0.48 10.26
N GLU A 347 7.70 0.43 9.00
CA GLU A 347 6.86 -0.13 7.95
C GLU A 347 6.48 -1.58 8.24
N GLU A 348 7.39 -2.34 8.87
CA GLU A 348 7.11 -3.74 9.18
C GLU A 348 6.06 -3.87 10.28
N ARG A 349 6.09 -2.98 11.27
CA ARG A 349 5.07 -2.99 12.32
C ARG A 349 3.70 -2.71 11.71
N ILE A 350 3.63 -1.69 10.85
CA ILE A 350 2.36 -1.32 10.24
C ILE A 350 1.83 -2.43 9.37
N LYS A 351 2.72 -3.04 8.56
CA LYS A 351 2.28 -4.09 7.65
C LYS A 351 1.75 -5.30 8.40
N ALA A 352 2.47 -5.71 9.44
CA ALA A 352 2.07 -6.89 10.20
C ALA A 352 0.74 -6.67 10.90
N ALA A 353 0.55 -5.48 11.48
CA ALA A 353 -0.70 -5.18 12.18
C ALA A 353 -1.86 -5.09 11.20
N TYR A 354 -1.62 -4.47 10.04
CA TYR A 354 -2.64 -4.39 8.99
C TYR A 354 -3.08 -5.78 8.53
N ALA A 355 -2.13 -6.67 8.30
CA ALA A 355 -2.45 -8.04 7.92
C ALA A 355 -3.27 -8.75 9.00
N VAL A 356 -2.90 -8.58 10.28
CA VAL A 356 -3.65 -9.25 11.34
C VAL A 356 -5.05 -8.68 11.45
N LEU A 357 -5.16 -7.36 11.54
CA LEU A 357 -6.46 -6.74 11.81
C LEU A 357 -7.45 -7.01 10.69
N ASN A 358 -6.99 -7.05 9.44
CA ASN A 358 -7.89 -7.29 8.33
C ASN A 358 -8.24 -8.76 8.14
N ALA A 359 -7.49 -9.67 8.74
CA ALA A 359 -7.83 -11.09 8.63
C ALA A 359 -8.62 -11.63 9.81
N ILE A 360 -8.66 -10.93 10.94
CA ILE A 360 -9.43 -11.40 12.08
C ILE A 360 -10.91 -11.42 11.70
N LYS A 361 -11.57 -12.54 11.96
CA LYS A 361 -12.99 -12.66 11.65
C LYS A 361 -13.80 -11.64 12.43
N LYS A 362 -14.68 -10.93 11.73
CA LYS A 362 -15.45 -9.83 12.33
C LYS A 362 -16.57 -10.33 13.24
N THR B 4 5.60 20.34 -36.03
CA THR B 4 4.96 19.30 -36.82
C THR B 4 3.44 19.35 -36.65
N PRO B 5 2.73 19.55 -37.77
CA PRO B 5 1.26 19.56 -37.69
C PRO B 5 0.65 18.25 -37.22
N LYS B 6 1.22 17.10 -37.61
CA LYS B 6 0.68 15.83 -37.13
C LYS B 6 0.77 15.73 -35.61
N ASP B 7 1.81 16.32 -35.02
CA ASP B 7 1.89 16.40 -33.57
C ASP B 7 0.68 17.14 -33.01
N GLN B 8 0.52 18.41 -33.41
CA GLN B 8 -0.51 19.27 -32.84
C GLN B 8 -1.90 18.66 -32.99
N GLU B 9 -2.18 18.04 -34.15
CA GLU B 9 -3.52 17.51 -34.36
C GLU B 9 -3.76 16.29 -33.49
N ILE B 10 -2.73 15.47 -33.25
CA ILE B 10 -2.90 14.32 -32.37
C ILE B 10 -2.94 14.77 -30.92
N LYS B 11 -2.18 15.81 -30.57
CA LYS B 11 -2.34 16.41 -29.24
C LYS B 11 -3.77 16.88 -29.03
N LYS B 12 -4.35 17.53 -30.03
CA LYS B 12 -5.71 18.05 -29.88
C LYS B 12 -6.72 16.92 -29.70
N LEU B 13 -6.56 15.83 -30.46
CA LEU B 13 -7.49 14.72 -30.37
C LEU B 13 -7.41 14.05 -29.01
N VAL B 14 -6.18 13.75 -28.55
CA VAL B 14 -6.01 13.14 -27.25
C VAL B 14 -6.52 14.08 -26.16
N ASP B 15 -6.20 15.37 -26.28
CA ASP B 15 -6.70 16.36 -25.33
C ASP B 15 -8.21 16.38 -25.31
N GLN B 16 -8.84 16.45 -26.48
CA GLN B 16 -10.29 16.57 -26.53
C GLN B 16 -10.99 15.34 -25.96
N ASN B 17 -10.38 14.17 -26.07
CA ASN B 17 -11.09 12.94 -25.76
C ASN B 17 -10.67 12.29 -24.44
N PHE B 18 -9.43 12.49 -24.01
CA PHE B 18 -8.96 11.89 -22.77
C PHE B 18 -8.81 12.89 -21.64
N LYS B 19 -8.53 14.16 -21.94
CA LYS B 19 -8.34 15.13 -20.86
C LYS B 19 -9.61 15.35 -20.05
N PRO B 20 -10.82 15.42 -20.62
CA PRO B 20 -12.02 15.51 -19.77
C PRO B 20 -12.18 14.35 -18.81
N LEU B 21 -11.59 13.19 -19.10
CA LEU B 21 -11.71 12.06 -18.18
C LEU B 21 -11.05 12.35 -16.84
N LEU B 22 -9.99 13.17 -16.82
CA LEU B 22 -9.32 13.50 -15.57
C LEU B 22 -10.26 14.20 -14.59
N GLU B 23 -10.96 15.24 -15.08
CA GLU B 23 -11.91 15.92 -14.20
C GLU B 23 -13.07 15.02 -13.85
N LYS B 24 -13.62 14.32 -14.85
CA LYS B 24 -14.87 13.60 -14.67
C LYS B 24 -14.73 12.48 -13.64
N TYR B 25 -13.57 11.81 -13.62
CA TYR B 25 -13.35 10.71 -12.69
C TYR B 25 -12.31 11.05 -11.63
N ASP B 26 -11.91 12.32 -11.53
CA ASP B 26 -10.99 12.77 -10.48
C ASP B 26 -9.68 11.99 -10.50
N VAL B 27 -9.10 11.86 -11.69
CA VAL B 27 -7.91 11.03 -11.90
C VAL B 27 -6.67 11.88 -11.60
N PRO B 28 -5.81 11.46 -10.68
CA PRO B 28 -4.59 12.25 -10.43
C PRO B 28 -3.69 12.38 -11.65
N GLY B 29 -3.39 11.28 -12.32
CA GLY B 29 -2.39 11.31 -13.38
C GLY B 29 -2.78 10.38 -14.52
N MET B 30 -2.30 10.73 -15.71
CA MET B 30 -2.61 9.96 -16.89
C MET B 30 -1.54 10.18 -17.95
N ALA B 31 -1.17 9.10 -18.62
CA ALA B 31 -0.28 9.13 -19.77
C ALA B 31 -1.00 8.47 -20.93
N VAL B 32 -1.15 9.22 -22.03
CA VAL B 32 -1.76 8.69 -23.25
C VAL B 32 -0.76 8.85 -24.39
N GLY B 33 -0.51 7.75 -25.09
CA GLY B 33 0.37 7.76 -26.24
C GLY B 33 -0.32 7.22 -27.49
N VAL B 34 0.05 7.79 -28.62
CA VAL B 34 -0.34 7.31 -29.94
C VAL B 34 0.92 7.03 -30.75
N ILE B 35 0.94 5.88 -31.43
CA ILE B 35 1.98 5.52 -32.37
C ILE B 35 1.35 5.41 -33.76
N GLN B 36 1.92 6.12 -34.73
CA GLN B 36 1.45 6.09 -36.10
C GLN B 36 2.67 6.15 -37.01
N ASN B 37 2.93 5.09 -37.77
CA ASN B 37 3.99 5.09 -38.79
C ASN B 37 5.37 5.32 -38.17
N ASN B 38 5.66 4.63 -37.06
CA ASN B 38 6.90 4.71 -36.29
C ASN B 38 7.07 6.02 -35.53
N LYS B 39 6.08 6.91 -35.56
CA LYS B 39 6.13 8.18 -34.83
C LYS B 39 5.34 8.04 -33.53
N LYS B 40 5.99 8.36 -32.41
CA LYS B 40 5.36 8.30 -31.10
C LYS B 40 4.95 9.71 -30.66
N TYR B 41 3.73 9.83 -30.15
CA TYR B 41 3.18 11.08 -29.65
C TYR B 41 2.73 10.85 -28.22
N GLU B 42 3.27 11.62 -27.28
CA GLU B 42 3.07 11.38 -25.86
C GLU B 42 2.42 12.59 -25.18
N MET B 43 1.36 12.34 -24.43
CA MET B 43 0.71 13.34 -23.59
C MET B 43 0.75 12.90 -22.14
N TYR B 44 1.17 13.79 -21.26
CA TYR B 44 1.20 13.52 -19.83
C TYR B 44 0.35 14.55 -19.12
N TYR B 45 -0.34 14.10 -18.08
CA TYR B 45 -1.32 14.93 -17.36
C TYR B 45 -1.20 14.66 -15.87
N GLY B 46 -1.28 15.73 -15.09
CA GLY B 46 -1.47 15.54 -13.67
C GLY B 46 -0.28 14.91 -12.96
N LEU B 47 -0.57 14.21 -11.88
CA LEU B 47 0.41 13.84 -10.87
C LEU B 47 0.58 12.33 -10.80
N GLN B 48 1.85 11.91 -10.74
CA GLN B 48 2.24 10.52 -10.54
C GLN B 48 2.10 10.12 -9.06
N SER B 49 2.32 11.08 -8.17
CA SER B 49 2.21 10.86 -6.73
C SER B 49 1.70 12.15 -6.11
N VAL B 50 0.60 12.07 -5.35
CA VAL B 50 0.07 13.27 -4.72
C VAL B 50 0.98 13.69 -3.57
N GLN B 51 1.36 12.75 -2.70
CA GLN B 51 2.17 13.11 -1.54
C GLN B 51 3.49 13.74 -1.97
N ASP B 52 4.14 13.19 -2.96
CA ASP B 52 5.46 13.65 -3.36
C ASP B 52 5.40 14.74 -4.42
N LYS B 53 4.18 15.13 -4.83
CA LYS B 53 3.94 16.25 -5.75
C LYS B 53 4.74 16.11 -7.05
N LYS B 54 4.71 14.91 -7.62
CA LYS B 54 5.44 14.61 -8.84
C LYS B 54 4.51 14.57 -10.03
N ALA B 55 4.84 15.35 -11.06
CA ALA B 55 4.06 15.32 -12.29
C ALA B 55 4.33 14.04 -13.07
N VAL B 56 3.28 13.50 -13.70
CA VAL B 56 3.44 12.40 -14.64
C VAL B 56 4.37 12.87 -15.76
N ASN B 57 5.30 12.01 -16.14
CA ASN B 57 6.28 12.33 -17.16
C ASN B 57 6.68 11.03 -17.86
N SER B 58 7.56 11.15 -18.85
CA SER B 58 7.95 10.00 -19.65
C SER B 58 8.59 8.90 -18.82
N SER B 59 9.09 9.20 -17.62
CA SER B 59 9.70 8.20 -16.76
C SER B 59 8.71 7.55 -15.80
N THR B 60 7.45 7.98 -15.78
CA THR B 60 6.48 7.46 -14.81
C THR B 60 6.14 6.00 -15.11
N ILE B 61 6.23 5.17 -14.09
CA ILE B 61 5.93 3.74 -14.16
C ILE B 61 4.53 3.51 -13.63
N PHE B 62 3.67 2.88 -14.43
CA PHE B 62 2.31 2.52 -14.06
C PHE B 62 2.16 1.00 -13.95
N GLU B 63 1.27 0.57 -13.08
CA GLU B 63 0.90 -0.83 -13.05
C GLU B 63 -0.08 -1.12 -14.21
N LEU B 64 0.17 -2.19 -14.97
CA LEU B 64 -0.61 -2.52 -16.16
C LEU B 64 -1.79 -3.46 -15.90
N GLY B 65 -1.88 -4.11 -14.76
CA GLY B 65 -3.02 -5.01 -14.58
C GLY B 65 -2.99 -6.14 -15.60
N SER B 66 -4.14 -6.45 -16.19
CA SER B 66 -4.26 -7.59 -17.09
C SER B 66 -3.58 -7.37 -18.43
N VAL B 67 -3.21 -6.14 -18.77
CA VAL B 67 -2.32 -5.95 -19.91
C VAL B 67 -1.01 -6.70 -19.72
N SER B 68 -0.67 -7.04 -18.46
CA SER B 68 0.47 -7.92 -18.20
C SER B 68 0.34 -9.24 -18.95
N LYS B 69 -0.89 -9.72 -19.14
CA LYS B 69 -1.10 -10.98 -19.84
C LYS B 69 -0.56 -10.93 -21.26
N LEU B 70 -0.47 -9.75 -21.86
CA LEU B 70 0.13 -9.65 -23.18
C LEU B 70 1.61 -10.03 -23.15
N PHE B 71 2.31 -9.65 -22.08
CA PHE B 71 3.72 -10.03 -21.96
C PHE B 71 3.88 -11.51 -21.65
N THR B 72 2.98 -12.07 -20.85
CA THR B 72 2.96 -13.52 -20.66
C THR B 72 2.73 -14.24 -21.98
N ALA B 73 1.73 -13.79 -22.74
CA ALA B 73 1.46 -14.37 -24.05
C ALA B 73 2.69 -14.29 -24.94
N THR B 74 3.34 -13.13 -24.97
CA THR B 74 4.52 -12.95 -25.79
C THR B 74 5.64 -13.90 -25.36
N ALA B 75 5.84 -14.06 -24.06
CA ALA B 75 6.83 -15.01 -23.57
C ALA B 75 6.47 -16.43 -23.97
N GLY B 76 5.17 -16.77 -23.93
CA GLY B 76 4.73 -18.06 -24.42
C GLY B 76 5.00 -18.24 -25.91
N GLY B 77 4.71 -17.19 -26.70
CA GLY B 77 5.06 -17.26 -28.12
C GLY B 77 6.55 -17.41 -28.34
N TYR B 78 7.36 -16.81 -27.46
CA TYR B 78 8.81 -16.91 -27.58
C TYR B 78 9.27 -18.34 -27.32
N ALA B 79 8.80 -18.93 -26.22
CA ALA B 79 9.21 -20.28 -25.85
C ALA B 79 8.81 -21.29 -26.90
N LYS B 80 7.56 -21.20 -27.39
CA LYS B 80 7.09 -22.16 -28.37
C LYS B 80 7.88 -22.05 -29.67
N ASN B 81 8.18 -20.84 -30.13
CA ASN B 81 8.88 -20.76 -31.40
C ASN B 81 10.37 -21.04 -31.29
N LYS B 82 10.92 -21.10 -30.07
CA LYS B 82 12.27 -21.64 -29.88
C LYS B 82 12.26 -23.14 -29.60
N GLY B 83 11.09 -23.77 -29.64
CA GLY B 83 10.98 -25.20 -29.39
C GLY B 83 11.03 -25.59 -27.94
N LYS B 84 10.91 -24.63 -27.02
CA LYS B 84 10.95 -24.97 -25.60
C LYS B 84 9.63 -25.56 -25.12
N ILE B 85 8.50 -25.18 -25.74
CA ILE B 85 7.21 -25.81 -25.50
C ILE B 85 6.50 -25.98 -26.83
N SER B 86 5.51 -26.87 -26.82
CA SER B 86 4.45 -26.92 -27.82
C SER B 86 3.15 -26.54 -27.15
N PHE B 87 2.30 -25.80 -27.87
CA PHE B 87 1.01 -25.48 -27.26
C PHE B 87 0.12 -26.72 -27.14
N ASP B 88 0.52 -27.83 -27.76
CA ASP B 88 -0.17 -29.10 -27.63
C ASP B 88 0.32 -29.91 -26.45
N ASP B 89 1.37 -29.45 -25.77
CA ASP B 89 1.86 -30.06 -24.55
C ASP B 89 0.93 -29.74 -23.39
N THR B 90 1.08 -30.53 -22.34
CA THR B 90 0.31 -30.34 -21.13
C THR B 90 1.25 -29.98 -19.97
N PRO B 91 0.74 -29.33 -18.92
CA PRO B 91 1.64 -28.74 -17.92
C PRO B 91 2.50 -29.76 -17.20
N GLY B 92 2.05 -31.00 -17.07
CA GLY B 92 2.81 -32.00 -16.34
C GLY B 92 4.08 -32.43 -17.02
N LYS B 93 4.26 -32.09 -18.30
CA LYS B 93 5.53 -32.34 -18.98
C LYS B 93 6.63 -31.45 -18.41
N TYR B 94 6.27 -30.29 -17.86
CA TYR B 94 7.23 -29.31 -17.37
C TYR B 94 7.22 -29.17 -15.86
N TRP B 95 6.05 -29.23 -15.24
CA TRP B 95 5.91 -29.19 -13.78
C TRP B 95 5.61 -30.63 -13.37
N LYS B 96 6.68 -31.36 -13.01
CA LYS B 96 6.62 -32.81 -12.94
C LYS B 96 5.61 -33.30 -11.90
N GLU B 97 5.36 -32.51 -10.86
CA GLU B 97 4.37 -32.92 -9.86
C GLU B 97 2.95 -32.91 -10.41
N LEU B 98 2.72 -32.28 -11.56
CA LEU B 98 1.40 -32.33 -12.18
C LEU B 98 1.26 -33.47 -13.18
N LYS B 99 2.29 -34.30 -13.37
CA LYS B 99 2.19 -35.35 -14.39
C LYS B 99 1.12 -36.36 -14.00
N ASN B 100 0.27 -36.70 -14.97
CA ASN B 100 -0.79 -37.71 -14.81
C ASN B 100 -1.83 -37.30 -13.77
N THR B 101 -1.99 -36.01 -13.54
CA THR B 101 -3.14 -35.51 -12.82
C THR B 101 -4.21 -35.06 -13.80
N PRO B 102 -5.45 -34.89 -13.35
CA PRO B 102 -6.49 -34.40 -14.27
C PRO B 102 -6.12 -33.11 -15.00
N ILE B 103 -5.44 -32.17 -14.34
CA ILE B 103 -5.05 -30.93 -15.02
C ILE B 103 -4.05 -31.21 -16.14
N ASP B 104 -3.30 -32.30 -16.04
CA ASP B 104 -2.37 -32.69 -17.10
C ASP B 104 -3.07 -33.12 -18.37
N GLN B 105 -4.40 -33.11 -18.42
CA GLN B 105 -5.12 -33.34 -19.66
C GLN B 105 -5.46 -32.04 -20.37
N VAL B 106 -5.20 -30.90 -19.75
CA VAL B 106 -5.43 -29.60 -20.37
C VAL B 106 -4.13 -29.16 -21.08
N ASN B 107 -4.23 -28.75 -22.33
CA ASN B 107 -3.01 -28.34 -23.00
C ASN B 107 -2.71 -26.86 -22.74
N LEU B 108 -1.48 -26.47 -23.08
CA LEU B 108 -1.02 -25.13 -22.72
C LEU B 108 -1.84 -24.05 -23.42
N LEU B 109 -2.24 -24.29 -24.67
CA LEU B 109 -3.05 -23.29 -25.37
C LEU B 109 -4.38 -23.09 -24.66
N GLN B 110 -4.98 -24.19 -24.18
CA GLN B 110 -6.22 -24.09 -23.42
C GLN B 110 -6.03 -23.33 -22.11
N LEU B 111 -4.91 -23.56 -21.42
CA LEU B 111 -4.63 -22.75 -20.23
C LEU B 111 -4.45 -21.29 -20.60
N ALA B 112 -3.74 -21.02 -21.69
CA ALA B 112 -3.42 -19.64 -22.06
C ALA B 112 -4.66 -18.87 -22.49
N THR B 113 -5.64 -19.57 -23.07
CA THR B 113 -6.85 -18.94 -23.60
C THR B 113 -8.08 -19.29 -22.77
N TYR B 114 -7.89 -19.74 -21.53
CA TYR B 114 -8.93 -19.79 -20.50
C TYR B 114 -10.01 -20.84 -20.78
N THR B 115 -9.69 -21.98 -21.39
CA THR B 115 -10.73 -22.96 -21.68
C THR B 115 -10.53 -24.29 -20.96
N SER B 116 -9.87 -24.30 -19.80
CA SER B 116 -9.73 -25.55 -19.06
C SER B 116 -11.09 -26.13 -18.66
N GLY B 117 -12.10 -25.29 -18.46
CA GLY B 117 -13.40 -25.76 -18.03
C GLY B 117 -13.63 -25.74 -16.54
N ASN B 118 -12.61 -25.42 -15.75
CA ASN B 118 -12.82 -25.32 -14.30
C ASN B 118 -11.76 -24.45 -13.62
N LEU B 119 -11.63 -23.21 -14.08
CA LEU B 119 -10.77 -22.25 -13.40
C LEU B 119 -11.46 -20.89 -13.45
N ALA B 120 -11.63 -20.28 -12.28
CA ALA B 120 -12.36 -19.02 -12.13
C ALA B 120 -11.42 -17.84 -12.34
N LEU B 121 -11.95 -16.63 -12.16
CA LEU B 121 -11.12 -15.43 -12.32
C LEU B 121 -9.91 -15.47 -11.40
N GLN B 122 -10.12 -15.89 -10.14
CA GLN B 122 -9.07 -15.94 -9.15
C GLN B 122 -9.00 -17.33 -8.54
N PHE B 123 -7.89 -17.60 -7.85
CA PHE B 123 -7.81 -18.74 -6.98
C PHE B 123 -8.82 -18.60 -5.86
N PRO B 124 -9.20 -19.71 -5.22
CA PRO B 124 -9.91 -19.59 -3.94
C PRO B 124 -9.05 -18.83 -2.94
N ASP B 125 -9.71 -18.14 -2.02
CA ASP B 125 -8.99 -17.31 -1.05
C ASP B 125 -8.00 -18.14 -0.23
N GLU B 126 -8.31 -19.41 0.00
CA GLU B 126 -7.47 -20.27 0.82
C GLU B 126 -6.13 -20.57 0.16
N VAL B 127 -6.01 -20.36 -1.14
CA VAL B 127 -4.79 -20.66 -1.90
C VAL B 127 -3.93 -19.42 -1.92
N LYS B 128 -2.81 -19.45 -1.20
CA LYS B 128 -1.91 -18.30 -1.11
C LYS B 128 -0.42 -18.65 -1.18
N THR B 129 0.01 -19.82 -0.70
CA THR B 129 1.40 -20.21 -0.75
C THR B 129 1.70 -20.98 -2.04
N ASP B 130 3.00 -21.14 -2.31
CA ASP B 130 3.41 -21.97 -3.44
C ASP B 130 2.90 -23.41 -3.29
N GLN B 131 3.04 -23.97 -2.08
CA GLN B 131 2.57 -25.34 -1.85
C GLN B 131 1.07 -25.45 -2.05
N GLN B 132 0.31 -24.45 -1.58
CA GLN B 132 -1.14 -24.48 -1.71
C GLN B 132 -1.55 -24.37 -3.17
N VAL B 133 -0.81 -23.58 -3.96
CA VAL B 133 -1.07 -23.50 -5.40
C VAL B 133 -0.82 -24.86 -6.05
N LEU B 134 0.30 -25.49 -5.73
CA LEU B 134 0.58 -26.80 -6.31
C LEU B 134 -0.50 -27.82 -5.92
N THR B 135 -0.88 -27.82 -4.64
CA THR B 135 -1.92 -28.76 -4.20
C THR B 135 -3.25 -28.46 -4.88
N PHE B 136 -3.58 -27.17 -5.03
CA PHE B 136 -4.76 -26.80 -5.80
C PHE B 136 -4.78 -27.47 -7.17
N PHE B 137 -3.65 -27.40 -7.90
CA PHE B 137 -3.64 -27.95 -9.25
C PHE B 137 -3.58 -29.47 -9.27
N LYS B 138 -2.91 -30.10 -8.29
CA LYS B 138 -2.97 -31.55 -8.17
C LYS B 138 -4.37 -32.04 -7.83
N ASP B 139 -5.12 -31.28 -7.02
CA ASP B 139 -6.47 -31.64 -6.61
C ASP B 139 -7.52 -31.31 -7.66
N TRP B 140 -7.14 -30.59 -8.70
CA TRP B 140 -8.09 -30.09 -9.69
C TRP B 140 -8.74 -31.24 -10.45
N LYS B 141 -10.03 -31.07 -10.74
CA LYS B 141 -10.76 -32.00 -11.57
C LYS B 141 -11.53 -31.24 -12.64
N PRO B 142 -11.78 -31.86 -13.79
CA PRO B 142 -12.54 -31.17 -14.84
C PRO B 142 -13.99 -30.97 -14.43
N LYS B 143 -14.57 -29.91 -14.97
CA LYS B 143 -15.99 -29.65 -14.78
C LYS B 143 -16.63 -29.48 -16.15
N ASN B 144 -16.51 -28.29 -16.73
CA ASN B 144 -16.99 -28.12 -18.10
C ASN B 144 -16.04 -28.82 -19.06
N SER B 145 -16.59 -29.34 -20.15
CA SER B 145 -15.79 -30.11 -21.09
C SER B 145 -14.58 -29.29 -21.58
N ILE B 146 -13.39 -29.90 -21.46
CA ILE B 146 -12.14 -29.17 -21.65
C ILE B 146 -12.09 -28.56 -23.05
N GLY B 147 -11.75 -27.27 -23.12
CA GLY B 147 -11.56 -26.62 -24.39
C GLY B 147 -12.81 -26.03 -25.00
N GLU B 148 -13.98 -26.22 -24.38
CA GLU B 148 -15.22 -25.77 -25.00
C GLU B 148 -15.77 -24.46 -24.41
N TYR B 149 -15.32 -24.07 -23.21
CA TYR B 149 -15.88 -22.92 -22.51
C TYR B 149 -14.77 -21.98 -22.07
N ARG B 150 -14.86 -20.72 -22.50
CA ARG B 150 -13.95 -19.68 -22.05
C ARG B 150 -14.47 -19.10 -20.75
N GLN B 151 -13.64 -19.19 -19.72
CA GLN B 151 -13.89 -18.49 -18.47
C GLN B 151 -12.62 -17.74 -18.15
N TYR B 152 -12.68 -16.40 -18.22
CA TYR B 152 -11.49 -15.59 -18.03
C TYR B 152 -10.87 -15.85 -16.66
N SER B 153 -9.56 -16.13 -16.62
CA SER B 153 -9.01 -16.79 -15.44
C SER B 153 -7.53 -16.44 -15.26
N ASN B 154 -7.21 -15.86 -14.11
CA ASN B 154 -5.81 -15.60 -13.76
C ASN B 154 -5.05 -16.89 -13.41
N PRO B 155 -5.65 -17.82 -12.64
CA PRO B 155 -4.96 -19.12 -12.43
C PRO B 155 -4.63 -19.84 -13.72
N SER B 156 -5.49 -19.75 -14.73
CA SER B 156 -5.27 -20.45 -15.99
C SER B 156 -4.04 -19.93 -16.72
N ILE B 157 -4.01 -18.62 -17.00
CA ILE B 157 -2.83 -18.11 -17.70
C ILE B 157 -1.62 -18.07 -16.78
N GLY B 158 -1.83 -17.99 -15.47
CA GLY B 158 -0.75 -18.12 -14.52
C GLY B 158 -0.04 -19.47 -14.60
N LEU B 159 -0.79 -20.56 -14.71
CA LEU B 159 -0.19 -21.88 -14.90
C LEU B 159 0.57 -21.93 -16.22
N PHE B 160 0.00 -21.36 -17.27
CA PHE B 160 0.70 -21.26 -18.55
C PHE B 160 2.04 -20.55 -18.37
N GLY B 161 2.02 -19.38 -17.73
CA GLY B 161 3.25 -18.64 -17.49
C GLY B 161 4.26 -19.40 -16.65
N LYS B 162 3.80 -20.08 -15.59
CA LYS B 162 4.72 -20.91 -14.82
C LYS B 162 5.35 -21.98 -15.69
N VAL B 163 4.58 -22.59 -16.59
CA VAL B 163 5.11 -23.63 -17.47
C VAL B 163 6.08 -23.02 -18.50
N VAL B 164 5.77 -21.83 -19.02
CA VAL B 164 6.72 -21.15 -19.90
C VAL B 164 8.04 -20.95 -19.18
N ALA B 165 7.99 -20.48 -17.93
CA ALA B 165 9.21 -20.23 -17.17
C ALA B 165 9.99 -21.52 -16.96
N LEU B 166 9.32 -22.58 -16.50
CA LEU B 166 9.98 -23.87 -16.34
C LEU B 166 10.69 -24.30 -17.61
N SER B 167 10.04 -24.10 -18.76
CA SER B 167 10.61 -24.49 -20.04
C SER B 167 11.85 -23.67 -20.40
N MET B 168 12.02 -22.48 -19.82
CA MET B 168 13.21 -21.68 -20.10
C MET B 168 14.20 -21.67 -18.94
N ASN B 169 14.01 -22.55 -17.96
CA ASN B 169 14.94 -22.74 -16.83
C ASN B 169 15.21 -21.44 -16.08
N LYS B 170 14.19 -20.59 -15.96
CA LYS B 170 14.34 -19.29 -15.32
C LYS B 170 13.04 -18.93 -14.60
N PRO B 171 13.11 -18.19 -13.51
CA PRO B 171 11.88 -17.69 -12.88
C PRO B 171 11.15 -16.77 -13.85
N PHE B 172 9.82 -16.75 -13.74
CA PHE B 172 9.04 -15.99 -14.71
C PHE B 172 9.50 -14.53 -14.77
N ASP B 173 9.80 -13.93 -13.62
CA ASP B 173 10.24 -12.53 -13.62
C ASP B 173 11.50 -12.36 -14.44
N GLN B 174 12.39 -13.35 -14.41
N GLN B 174 12.39 -13.36 -14.41
CA GLN B 174 13.62 -13.25 -15.21
CA GLN B 174 13.62 -13.31 -15.18
C GLN B 174 13.33 -13.45 -16.69
C GLN B 174 13.34 -13.45 -16.67
N VAL B 175 12.37 -14.30 -17.03
CA VAL B 175 11.97 -14.46 -18.43
C VAL B 175 11.60 -13.11 -19.02
N LEU B 176 10.82 -12.33 -18.30
CA LEU B 176 10.43 -11.02 -18.80
C LEU B 176 11.59 -10.04 -18.72
N GLU B 177 12.27 -9.96 -17.58
CA GLU B 177 13.22 -8.88 -17.41
C GLU B 177 14.54 -9.15 -18.12
N LYS B 178 14.91 -10.42 -18.29
CA LYS B 178 16.18 -10.74 -18.94
C LYS B 178 16.03 -11.10 -20.41
N THR B 179 14.82 -11.38 -20.89
CA THR B 179 14.69 -11.95 -22.22
C THR B 179 13.64 -11.24 -23.07
N ILE B 180 12.41 -11.15 -22.58
CA ILE B 180 11.33 -10.59 -23.39
C ILE B 180 11.45 -9.08 -23.48
N PHE B 181 11.50 -8.39 -22.33
CA PHE B 181 11.59 -6.93 -22.35
C PHE B 181 12.79 -6.44 -23.15
N PRO B 182 14.01 -6.99 -23.00
CA PRO B 182 15.11 -6.55 -23.87
C PRO B 182 14.89 -6.83 -25.33
N ALA B 183 14.30 -7.98 -25.67
CA ALA B 183 14.07 -8.31 -27.07
C ALA B 183 13.05 -7.37 -27.71
N LEU B 184 12.16 -6.78 -26.91
CA LEU B 184 11.20 -5.81 -27.37
C LEU B 184 11.72 -4.38 -27.32
N GLY B 185 12.93 -4.17 -26.79
CA GLY B 185 13.51 -2.84 -26.72
C GLY B 185 13.04 -2.03 -25.54
N LEU B 186 12.47 -2.67 -24.53
CA LEU B 186 11.91 -1.97 -23.38
C LEU B 186 13.01 -1.69 -22.38
N LYS B 187 13.02 -0.49 -21.83
CA LYS B 187 14.07 -0.07 -20.91
C LYS B 187 13.59 0.13 -19.48
N HIS B 188 12.28 0.31 -19.28
CA HIS B 188 11.75 0.66 -17.96
C HIS B 188 10.48 -0.10 -17.69
N SER B 189 10.46 -1.37 -18.10
CA SER B 189 9.35 -2.26 -17.82
C SER B 189 9.83 -3.31 -16.82
N TYR B 190 9.04 -3.55 -15.78
CA TYR B 190 9.49 -4.37 -14.67
C TYR B 190 8.37 -5.28 -14.18
N VAL B 191 8.79 -6.44 -13.67
CA VAL B 191 7.97 -7.19 -12.73
C VAL B 191 8.20 -6.71 -11.31
N ASN B 192 9.48 -6.53 -10.96
CA ASN B 192 9.87 -5.93 -9.69
C ASN B 192 10.58 -4.61 -9.96
N VAL B 193 9.98 -3.51 -9.51
CA VAL B 193 10.56 -2.19 -9.70
C VAL B 193 11.77 -2.06 -8.79
N PRO B 194 12.97 -1.85 -9.33
CA PRO B 194 14.16 -1.74 -8.47
C PRO B 194 14.14 -0.42 -7.71
N LYS B 195 14.92 -0.41 -6.62
CA LYS B 195 14.97 0.74 -5.72
C LYS B 195 15.27 2.02 -6.48
N THR B 196 16.13 1.94 -7.50
CA THR B 196 16.51 3.14 -8.25
C THR B 196 15.37 3.70 -9.09
N GLN B 197 14.31 2.94 -9.32
CA GLN B 197 13.16 3.42 -10.07
C GLN B 197 11.95 3.71 -9.20
N MET B 198 12.09 3.57 -7.88
CA MET B 198 10.95 3.83 -7.00
C MET B 198 10.50 5.28 -7.10
N GLN B 199 11.43 6.20 -7.38
CA GLN B 199 11.08 7.61 -7.55
C GLN B 199 10.20 7.86 -8.76
N ASN B 200 10.14 6.92 -9.71
CA ASN B 200 9.33 7.05 -10.91
C ASN B 200 8.07 6.21 -10.87
N TYR B 201 7.86 5.47 -9.80
CA TYR B 201 6.80 4.49 -9.69
C TYR B 201 5.56 5.20 -9.16
N ALA B 202 4.59 5.41 -10.03
CA ALA B 202 3.36 6.08 -9.66
C ALA B 202 2.64 5.30 -8.55
N PHE B 203 1.99 6.03 -7.67
CA PHE B 203 1.03 5.39 -6.78
C PHE B 203 -0.31 5.29 -7.49
N GLY B 204 -1.03 4.20 -7.22
CA GLY B 204 -2.41 4.10 -7.61
C GLY B 204 -3.30 4.80 -6.60
N TYR B 205 -4.51 5.17 -7.03
CA TYR B 205 -5.45 5.88 -6.17
C TYR B 205 -6.82 5.23 -6.24
N ASN B 206 -7.44 4.99 -5.08
CA ASN B 206 -8.74 4.36 -5.05
C ASN B 206 -9.82 5.42 -5.17
N GLN B 207 -11.09 5.03 -5.03
CA GLN B 207 -12.19 5.95 -5.26
C GLN B 207 -12.20 7.09 -4.25
N GLU B 208 -11.68 6.84 -3.03
CA GLU B 208 -11.58 7.85 -2.00
C GLU B 208 -10.27 8.63 -2.03
N ASN B 209 -9.53 8.53 -3.13
CA ASN B 209 -8.25 9.23 -3.34
C ASN B 209 -7.19 8.82 -2.34
N GLN B 210 -7.28 7.59 -1.81
CA GLN B 210 -6.20 7.10 -0.98
C GLN B 210 -5.22 6.32 -1.85
N PRO B 211 -3.92 6.45 -1.59
CA PRO B 211 -2.93 5.77 -2.43
C PRO B 211 -3.00 4.26 -2.23
N ILE B 212 -2.72 3.51 -3.30
CA ILE B 212 -2.70 2.06 -3.26
C ILE B 212 -1.39 1.55 -3.82
N ARG B 213 -0.76 0.63 -3.09
CA ARG B 213 0.31 -0.17 -3.64
C ARG B 213 0.34 -1.48 -2.87
N VAL B 214 0.50 -2.59 -3.60
CA VAL B 214 0.57 -3.93 -3.02
C VAL B 214 2.01 -4.41 -3.16
N ASN B 215 2.55 -4.93 -2.06
CA ASN B 215 3.94 -5.41 -2.06
C ASN B 215 4.02 -6.86 -1.57
N ALA B 221 6.36 -11.95 -9.66
CA ALA B 221 6.43 -12.65 -10.94
C ALA B 221 5.09 -13.23 -11.35
N ALA B 222 4.03 -12.40 -11.32
CA ALA B 222 2.69 -12.87 -11.65
C ALA B 222 2.41 -12.65 -13.13
N PRO B 223 2.21 -13.72 -13.91
CA PRO B 223 1.91 -13.55 -15.34
C PRO B 223 0.51 -13.02 -15.63
N ALA B 224 -0.34 -12.84 -14.62
CA ALA B 224 -1.71 -12.40 -14.81
C ALA B 224 -1.91 -10.89 -14.66
N TYR B 225 -1.10 -10.21 -13.84
CA TYR B 225 -1.27 -8.78 -13.63
C TYR B 225 -0.15 -8.14 -12.81
N ASP B 226 1.12 -8.47 -13.07
CA ASP B 226 2.22 -7.96 -12.26
C ASP B 226 3.25 -7.13 -13.04
N VAL B 227 2.96 -6.70 -14.28
CA VAL B 227 3.95 -5.92 -15.03
C VAL B 227 3.70 -4.43 -14.80
N LYS B 228 4.77 -3.66 -14.68
CA LYS B 228 4.72 -2.21 -14.57
C LYS B 228 5.56 -1.62 -15.70
N SER B 229 5.12 -0.50 -16.27
CA SER B 229 5.83 0.03 -17.43
C SER B 229 5.52 1.51 -17.62
N THR B 230 6.27 2.14 -18.51
CA THR B 230 6.13 3.55 -18.83
C THR B 230 5.37 3.72 -20.14
N LEU B 231 4.86 4.92 -20.37
CA LEU B 231 4.24 5.18 -21.67
C LEU B 231 5.22 4.97 -22.82
N PRO B 232 6.47 5.43 -22.76
CA PRO B 232 7.37 5.18 -23.89
C PRO B 232 7.66 3.71 -24.13
N ASP B 233 7.83 2.90 -23.09
CA ASP B 233 7.96 1.47 -23.31
C ASP B 233 6.69 0.87 -23.93
N MET B 234 5.53 1.28 -23.43
CA MET B 234 4.31 0.67 -23.95
C MET B 234 4.11 1.05 -25.40
N LEU B 235 4.56 2.24 -25.81
CA LEU B 235 4.47 2.60 -27.22
C LEU B 235 5.44 1.77 -28.06
N SER B 236 6.64 1.49 -27.53
CA SER B 236 7.53 0.58 -28.24
C SER B 236 6.95 -0.83 -28.31
N PHE B 237 6.22 -1.24 -27.27
CA PHE B 237 5.58 -2.55 -27.33
C PHE B 237 4.49 -2.56 -28.41
N ILE B 238 3.73 -1.48 -28.52
CA ILE B 238 2.72 -1.44 -29.57
C ILE B 238 3.37 -1.33 -30.94
N HIS B 239 4.47 -0.58 -31.04
CA HIS B 239 5.22 -0.53 -32.29
C HIS B 239 5.67 -1.93 -32.72
N ALA B 240 6.13 -2.75 -31.76
CA ALA B 240 6.54 -4.11 -32.09
C ALA B 240 5.35 -4.94 -32.58
N ASN B 241 4.18 -4.77 -31.94
CA ASN B 241 3.00 -5.47 -32.41
C ASN B 241 2.55 -4.98 -33.78
N LEU B 242 2.75 -3.69 -34.07
CA LEU B 242 2.39 -3.16 -35.39
C LEU B 242 3.39 -3.58 -36.45
N ASN B 243 4.67 -3.70 -36.11
CA ASN B 243 5.73 -3.94 -37.10
C ASN B 243 6.60 -5.13 -36.69
N PRO B 244 6.02 -6.32 -36.51
CA PRO B 244 6.83 -7.43 -36.01
C PRO B 244 7.95 -7.81 -36.96
N GLN B 245 7.76 -7.55 -38.26
CA GLN B 245 8.71 -7.97 -39.27
C GLN B 245 10.03 -7.21 -39.16
N LYS B 246 10.03 -6.07 -38.45
CA LYS B 246 11.20 -5.24 -38.21
C LYS B 246 12.04 -5.71 -37.04
N TYR B 247 11.68 -6.81 -36.38
CA TYR B 247 12.38 -7.29 -35.20
C TYR B 247 13.08 -8.60 -35.47
N PRO B 248 14.12 -8.94 -34.69
CA PRO B 248 14.79 -10.22 -34.86
C PRO B 248 13.81 -11.38 -34.75
N ALA B 249 14.19 -12.49 -35.40
CA ALA B 249 13.27 -13.59 -35.66
C ALA B 249 12.64 -14.14 -34.39
N ASP B 250 13.42 -14.30 -33.32
CA ASP B 250 12.89 -14.96 -32.13
C ASP B 250 11.73 -14.17 -31.53
N ILE B 251 11.89 -12.85 -31.38
CA ILE B 251 10.80 -12.06 -30.81
C ILE B 251 9.72 -11.76 -31.85
N GLN B 252 10.10 -11.65 -33.14
CA GLN B 252 9.12 -11.43 -34.19
C GLN B 252 8.11 -12.58 -34.25
N ARG B 253 8.61 -13.82 -34.24
CA ARG B 253 7.74 -14.98 -34.21
C ARG B 253 6.87 -14.99 -32.95
N ALA B 254 7.42 -14.53 -31.82
CA ALA B 254 6.65 -14.52 -30.57
C ALA B 254 5.48 -13.56 -30.67
N ILE B 255 5.74 -12.35 -31.17
CA ILE B 255 4.68 -11.37 -31.35
C ILE B 255 3.61 -11.92 -32.28
N ASN B 256 4.03 -12.50 -33.41
CA ASN B 256 3.05 -13.02 -34.37
C ASN B 256 2.22 -14.14 -33.76
N GLU B 257 2.82 -14.94 -32.88
CA GLU B 257 2.04 -15.96 -32.19
C GLU B 257 0.92 -15.35 -31.36
N THR B 258 1.12 -14.16 -30.79
CA THR B 258 0.07 -13.59 -29.96
C THR B 258 -1.06 -12.98 -30.76
N HIS B 259 -0.91 -12.88 -32.07
CA HIS B 259 -1.91 -12.26 -32.93
C HIS B 259 -2.85 -13.27 -33.57
N GLN B 260 -2.56 -14.56 -33.46
CA GLN B 260 -3.40 -15.58 -34.10
C GLN B 260 -4.60 -15.88 -33.21
N GLY B 261 -5.80 -15.52 -33.68
CA GLY B 261 -7.01 -15.87 -32.94
C GLY B 261 -7.19 -17.37 -32.83
N ARG B 262 -7.52 -17.85 -31.64
CA ARG B 262 -7.63 -19.29 -31.39
C ARG B 262 -9.06 -19.81 -31.40
N TYR B 263 -10.03 -18.95 -31.10
CA TYR B 263 -11.43 -19.30 -31.22
C TYR B 263 -12.21 -18.00 -31.17
N GLN B 264 -13.53 -18.12 -31.27
CA GLN B 264 -14.39 -16.96 -31.33
C GLN B 264 -15.44 -17.07 -30.25
N VAL B 265 -15.77 -15.95 -29.62
CA VAL B 265 -16.96 -15.83 -28.77
C VAL B 265 -17.70 -14.59 -29.23
N ASN B 266 -18.84 -14.78 -29.89
CA ASN B 266 -19.63 -13.69 -30.47
C ASN B 266 -18.70 -12.93 -31.42
N THR B 267 -18.56 -11.61 -31.29
CA THR B 267 -17.74 -10.85 -32.22
C THR B 267 -16.28 -10.79 -31.81
N MET B 268 -15.90 -11.42 -30.69
CA MET B 268 -14.53 -11.36 -30.19
C MET B 268 -13.78 -12.64 -30.53
N TYR B 269 -12.55 -12.49 -30.99
CA TYR B 269 -11.64 -13.60 -31.23
C TYR B 269 -10.60 -13.58 -30.13
N GLN B 270 -10.39 -14.73 -29.49
CA GLN B 270 -9.41 -14.84 -28.42
C GLN B 270 -8.08 -15.18 -29.04
N ALA B 271 -7.16 -14.23 -29.04
CA ALA B 271 -5.77 -14.50 -29.39
C ALA B 271 -5.02 -14.82 -28.10
N LEU B 272 -3.70 -14.95 -28.16
CA LEU B 272 -2.92 -15.10 -26.93
C LEU B 272 -2.84 -13.74 -26.24
N GLY B 273 -3.48 -13.61 -25.08
CA GLY B 273 -3.49 -12.35 -24.39
C GLY B 273 -4.41 -11.32 -25.04
N TRP B 274 -4.12 -10.96 -26.28
CA TRP B 274 -4.92 -9.99 -27.02
C TRP B 274 -6.31 -10.54 -27.31
N GLU B 275 -7.30 -9.66 -27.20
CA GLU B 275 -8.58 -9.85 -27.87
C GLU B 275 -8.51 -9.26 -29.27
N GLU B 276 -9.09 -9.98 -30.24
CA GLU B 276 -8.94 -9.68 -31.65
C GLU B 276 -10.31 -9.47 -32.29
N PHE B 277 -10.40 -8.50 -33.20
CA PHE B 277 -11.67 -8.18 -33.83
C PHE B 277 -11.48 -7.98 -35.32
N SER B 278 -12.58 -8.19 -36.05
CA SER B 278 -12.62 -7.81 -37.45
C SER B 278 -12.60 -6.30 -37.56
N TYR B 279 -11.75 -5.77 -38.44
CA TYR B 279 -11.65 -4.34 -38.64
C TYR B 279 -12.24 -3.98 -40.00
N PRO B 280 -13.10 -2.96 -40.08
CA PRO B 280 -13.48 -2.06 -38.98
C PRO B 280 -14.41 -2.71 -37.97
N ALA B 281 -14.13 -2.50 -36.69
CA ALA B 281 -15.00 -2.95 -35.61
C ALA B 281 -15.85 -1.78 -35.12
N THR B 282 -17.12 -2.03 -34.88
CA THR B 282 -17.97 -1.01 -34.30
C THR B 282 -17.60 -0.76 -32.85
N LEU B 283 -17.95 0.43 -32.37
CA LEU B 283 -17.72 0.74 -30.96
C LEU B 283 -18.42 -0.28 -30.07
N GLN B 284 -19.65 -0.67 -30.43
CA GLN B 284 -20.40 -1.63 -29.61
C GLN B 284 -19.69 -2.98 -29.56
N THR B 285 -19.15 -3.44 -30.69
CA THR B 285 -18.37 -4.68 -30.69
C THR B 285 -17.24 -4.61 -29.67
N LEU B 286 -16.50 -3.49 -29.64
CA LEU B 286 -15.38 -3.40 -28.71
C LEU B 286 -15.86 -3.31 -27.27
N LEU B 287 -16.93 -2.56 -27.02
CA LEU B 287 -17.51 -2.49 -25.68
C LEU B 287 -18.02 -3.86 -25.23
N ASP B 288 -18.67 -4.60 -26.13
CA ASP B 288 -19.19 -5.91 -25.77
C ASP B 288 -18.09 -6.86 -25.32
N SER B 289 -16.85 -6.64 -25.76
CA SER B 289 -15.78 -7.56 -25.40
C SER B 289 -15.50 -7.57 -23.92
N ASN B 290 -15.81 -6.51 -23.19
N ASN B 290 -15.84 -6.49 -23.21
CA ASN B 290 -15.59 -6.52 -21.76
CA ASN B 290 -15.59 -6.37 -21.77
C ASN B 290 -16.90 -6.34 -21.00
C ASN B 290 -16.85 -6.50 -20.94
N SER B 291 -17.98 -6.91 -21.54
CA SER B 291 -19.22 -7.03 -20.79
C SER B 291 -19.04 -8.02 -19.65
N GLU B 292 -19.88 -7.87 -18.64
CA GLU B 292 -19.90 -8.82 -17.53
C GLU B 292 -20.08 -10.25 -18.01
N GLN B 293 -20.89 -10.47 -19.05
CA GLN B 293 -21.07 -11.82 -19.57
C GLN B 293 -19.75 -12.40 -20.09
N ILE B 294 -18.96 -11.61 -20.81
CA ILE B 294 -17.72 -12.13 -21.38
C ILE B 294 -16.66 -12.30 -20.29
N VAL B 295 -16.58 -11.34 -19.36
CA VAL B 295 -15.47 -11.29 -18.42
C VAL B 295 -15.68 -12.18 -17.20
N MET B 296 -16.91 -12.37 -16.75
CA MET B 296 -17.15 -13.05 -15.48
C MET B 296 -17.75 -14.44 -15.60
N LYS B 297 -18.32 -14.79 -16.75
CA LYS B 297 -19.07 -16.02 -16.87
C LYS B 297 -18.44 -16.94 -17.92
N PRO B 298 -18.74 -18.24 -17.85
CA PRO B 298 -18.33 -19.12 -18.94
C PRO B 298 -19.13 -18.85 -20.21
N ASN B 299 -18.45 -18.92 -21.34
CA ASN B 299 -19.09 -18.79 -22.65
C ASN B 299 -18.57 -19.87 -23.58
N LYS B 300 -19.50 -20.54 -24.27
CA LYS B 300 -19.12 -21.58 -25.22
C LYS B 300 -18.34 -20.95 -26.37
N VAL B 301 -17.22 -21.58 -26.73
CA VAL B 301 -16.38 -21.05 -27.79
C VAL B 301 -16.79 -21.68 -29.11
N THR B 302 -16.53 -20.98 -30.20
CA THR B 302 -16.73 -21.52 -31.53
C THR B 302 -15.38 -21.55 -32.24
N ALA B 303 -15.03 -22.71 -32.78
CA ALA B 303 -13.77 -22.85 -33.49
C ALA B 303 -13.76 -21.97 -34.73
N ILE B 304 -12.60 -21.39 -35.02
CA ILE B 304 -12.50 -20.39 -36.08
C ILE B 304 -12.51 -21.08 -37.45
N SER B 305 -13.47 -20.70 -38.30
CA SER B 305 -13.57 -21.18 -39.66
C SER B 305 -12.68 -20.40 -40.62
N LYS B 306 -12.55 -19.10 -40.40
CA LYS B 306 -11.60 -18.28 -41.17
C LYS B 306 -11.32 -17.02 -40.36
N GLU B 307 -10.08 -16.87 -39.89
CA GLU B 307 -9.68 -15.67 -39.16
C GLU B 307 -9.91 -14.45 -40.05
N PRO B 308 -10.31 -13.30 -39.48
CA PRO B 308 -10.65 -12.15 -40.32
C PRO B 308 -9.47 -11.70 -41.18
N SER B 309 -9.79 -11.21 -42.38
CA SER B 309 -8.73 -10.71 -43.25
C SER B 309 -8.11 -9.43 -42.69
N VAL B 310 -8.93 -8.52 -42.18
CA VAL B 310 -8.48 -7.27 -41.57
C VAL B 310 -8.84 -7.30 -40.08
N LYS B 311 -7.85 -7.10 -39.22
CA LYS B 311 -7.99 -7.31 -37.79
C LYS B 311 -7.58 -6.06 -37.01
N MET B 312 -8.06 -5.99 -35.77
CA MET B 312 -7.55 -5.07 -34.77
C MET B 312 -7.52 -5.78 -33.42
N TYR B 313 -6.80 -5.20 -32.48
CA TYR B 313 -6.59 -5.86 -31.19
C TYR B 313 -6.69 -4.85 -30.06
N HIS B 314 -7.17 -5.30 -28.91
CA HIS B 314 -7.09 -4.45 -27.73
C HIS B 314 -7.01 -5.31 -26.47
N LYS B 315 -6.72 -4.64 -25.37
CA LYS B 315 -6.70 -5.27 -24.05
C LYS B 315 -6.84 -4.18 -23.01
N THR B 316 -7.77 -4.39 -22.07
CA THR B 316 -7.92 -3.54 -20.89
C THR B 316 -7.13 -4.13 -19.73
N GLY B 317 -6.87 -3.32 -18.74
CA GLY B 317 -6.24 -3.78 -17.53
C GLY B 317 -6.51 -2.83 -16.39
N SER B 318 -6.75 -3.38 -15.21
CA SER B 318 -7.00 -2.57 -14.02
C SER B 318 -6.39 -3.29 -12.83
N THR B 319 -5.57 -2.59 -12.07
CA THR B 319 -4.86 -3.23 -10.97
C THR B 319 -4.64 -2.18 -9.89
N ASN B 320 -5.19 -2.45 -8.71
CA ASN B 320 -4.86 -1.76 -7.46
C ASN B 320 -4.62 -0.26 -7.68
N GLY B 321 -5.64 0.39 -8.22
CA GLY B 321 -5.61 1.82 -8.40
C GLY B 321 -5.18 2.30 -9.76
N PHE B 322 -5.07 1.42 -10.74
CA PHE B 322 -4.64 1.83 -12.08
C PHE B 322 -5.65 1.38 -13.13
N GLY B 323 -5.71 2.15 -14.20
CA GLY B 323 -6.41 1.73 -15.40
C GLY B 323 -5.45 1.71 -16.58
N THR B 324 -5.66 0.76 -17.48
CA THR B 324 -4.80 0.61 -18.64
C THR B 324 -5.65 0.21 -19.83
N TYR B 325 -5.32 0.75 -21.00
CA TYR B 325 -5.94 0.32 -22.24
C TYR B 325 -4.91 0.39 -23.37
N VAL B 326 -4.81 -0.69 -24.15
CA VAL B 326 -3.93 -0.73 -25.31
C VAL B 326 -4.73 -1.25 -26.49
N VAL B 327 -4.55 -0.62 -27.64
CA VAL B 327 -5.28 -0.98 -28.85
C VAL B 327 -4.39 -0.69 -30.05
N PHE B 328 -4.40 -1.58 -31.04
CA PHE B 328 -3.68 -1.28 -32.27
C PHE B 328 -4.39 -1.88 -33.47
N ILE B 329 -4.21 -1.21 -34.60
CA ILE B 329 -4.81 -1.57 -35.88
C ILE B 329 -3.68 -1.72 -36.90
N PRO B 330 -3.31 -2.96 -37.25
CA PRO B 330 -2.15 -3.13 -38.15
C PRO B 330 -2.32 -2.44 -39.50
N LYS B 331 -3.48 -2.57 -40.15
CA LYS B 331 -3.66 -2.02 -41.49
C LYS B 331 -3.44 -0.51 -41.52
N GLU B 332 -3.86 0.18 -40.48
CA GLU B 332 -3.68 1.63 -40.37
C GLU B 332 -2.36 2.01 -39.71
N ASN B 333 -1.58 1.01 -39.25
CA ASN B 333 -0.30 1.23 -38.58
C ASN B 333 -0.43 2.29 -37.48
N ILE B 334 -1.46 2.14 -36.66
CA ILE B 334 -1.72 3.05 -35.55
C ILE B 334 -2.02 2.22 -34.30
N GLY B 335 -1.73 2.82 -33.16
CA GLY B 335 -2.07 2.22 -31.88
C GLY B 335 -2.12 3.29 -30.82
N LEU B 336 -2.67 2.91 -29.67
CA LEU B 336 -2.88 3.86 -28.59
C LEU B 336 -2.70 3.15 -27.27
N VAL B 337 -2.05 3.83 -26.33
CA VAL B 337 -1.90 3.36 -24.97
C VAL B 337 -2.43 4.42 -24.04
N MET B 338 -3.26 4.02 -23.08
CA MET B 338 -3.72 4.90 -22.00
C MET B 338 -3.36 4.27 -20.67
N LEU B 339 -2.73 5.06 -19.81
CA LEU B 339 -2.31 4.65 -18.47
C LEU B 339 -2.81 5.69 -17.49
N THR B 340 -3.47 5.24 -16.42
CA THR B 340 -3.99 6.15 -15.40
C THR B 340 -3.67 5.56 -14.03
N ASN B 341 -3.47 6.44 -13.05
CA ASN B 341 -3.31 5.98 -11.67
C ASN B 341 -4.60 6.16 -10.87
N LYS B 342 -5.74 6.05 -11.55
CA LYS B 342 -7.02 5.81 -10.92
C LYS B 342 -7.86 5.07 -11.94
N ARG B 343 -8.50 3.99 -11.51
CA ARG B 343 -9.33 3.22 -12.43
C ARG B 343 -10.51 4.08 -12.89
N ILE B 344 -10.73 4.12 -14.20
CA ILE B 344 -11.94 4.68 -14.79
C ILE B 344 -12.67 3.55 -15.51
N PRO B 345 -13.97 3.71 -15.78
CA PRO B 345 -14.72 2.64 -16.45
C PRO B 345 -14.08 2.21 -17.76
N ASN B 346 -14.08 0.89 -18.00
CA ASN B 346 -13.53 0.35 -19.24
C ASN B 346 -14.18 1.00 -20.46
N GLU B 347 -15.50 1.23 -20.40
CA GLU B 347 -16.19 1.79 -21.56
C GLU B 347 -15.66 3.16 -21.92
N GLU B 348 -15.26 3.95 -20.93
CA GLU B 348 -14.72 5.28 -21.21
C GLU B 348 -13.36 5.19 -21.90
N ARG B 349 -12.53 4.22 -21.51
CA ARG B 349 -11.24 4.04 -22.17
C ARG B 349 -11.44 3.64 -23.62
N ILE B 350 -12.36 2.69 -23.85
CA ILE B 350 -12.61 2.20 -25.19
C ILE B 350 -13.23 3.30 -26.06
N LYS B 351 -14.22 4.01 -25.51
CA LYS B 351 -14.87 5.10 -26.26
C LYS B 351 -13.88 6.18 -26.66
N ALA B 352 -13.03 6.59 -25.72
CA ALA B 352 -12.09 7.67 -25.99
C ALA B 352 -11.06 7.26 -27.02
N ALA B 353 -10.46 6.08 -26.86
CA ALA B 353 -9.49 5.60 -27.84
C ALA B 353 -10.14 5.45 -29.20
N TYR B 354 -11.39 5.00 -29.22
CA TYR B 354 -12.11 4.84 -30.47
C TYR B 354 -12.26 6.17 -31.19
N ALA B 355 -12.66 7.21 -30.45
CA ALA B 355 -12.84 8.51 -31.07
C ALA B 355 -11.52 9.09 -31.57
N VAL B 356 -10.42 8.82 -30.86
CA VAL B 356 -9.13 9.34 -31.30
C VAL B 356 -8.65 8.59 -32.55
N LEU B 357 -8.65 7.26 -32.50
CA LEU B 357 -8.08 6.47 -33.60
C LEU B 357 -8.89 6.64 -34.88
N ASN B 358 -10.20 6.76 -34.77
CA ASN B 358 -11.00 6.94 -35.98
C ASN B 358 -10.96 8.36 -36.51
N ALA B 359 -10.40 9.31 -35.76
CA ALA B 359 -10.33 10.69 -36.21
C ALA B 359 -8.98 11.08 -36.80
N ILE B 360 -7.89 10.39 -36.44
CA ILE B 360 -6.58 10.84 -36.90
C ILE B 360 -6.48 10.67 -38.41
N LYS B 361 -5.86 11.66 -39.06
CA LYS B 361 -5.75 11.66 -40.52
C LYS B 361 -5.00 10.43 -41.00
N LYS B 362 -5.60 9.73 -41.96
CA LYS B 362 -5.09 8.42 -42.40
C LYS B 362 -3.67 8.47 -42.93
P PO4 C . 8.09 8.10 15.67
O1 PO4 C . 8.87 8.42 14.42
O2 PO4 C . 8.06 6.60 15.86
O3 PO4 C . 6.67 8.58 15.52
O4 PO4 C . 8.75 8.77 16.85
P PO4 D . -9.43 -7.02 -17.04
O1 PO4 D . -9.02 -8.02 -18.10
O2 PO4 D . -10.93 -7.21 -16.78
O3 PO4 D . -9.16 -5.61 -17.53
O4 PO4 D . -8.66 -7.28 -15.77
#